data_5OC9
#
_entry.id   5OC9
#
_cell.length_a   59.150
_cell.length_b   153.590
_cell.length_c   218.780
_cell.angle_alpha   90.00
_cell.angle_beta   90.00
_cell.angle_gamma   90.00
#
_symmetry.space_group_name_H-M   'P 21 21 21'
#
loop_
_entity.id
_entity.type
_entity.pdbx_description
1 polymer Anoctamin-10
2 non-polymer 'CALCIUM ION'
3 non-polymer '(2R)-2,3-dihydroxypropyl (7Z)-hexadec-7-enoate'
4 water water
#
_entity_poly.entity_id   1
_entity_poly.type   'polypeptide(L)'
_entity_poly.pdbx_seq_one_letter_code
;MKVTLSALDTSESSFTPLVVIELAQDVKEETKEWLKNRIIAKKKDGGAQLLFRPLLNKYEQETLENQNLYLVGASKIRML
LGAEAVGLVKECNDNTMRAFTYRTRQNFKGFDDNNDDFLTMAECQFIIKHELENLRAKDEKMIPGYPQAKLYPGKSLLRR
LLTSGIVIQVFPLHDSEALKKLEDTWYTRFALKYQPIDSIRGYFGETIALYFGFLEYFTFALIPMAVIGLPYYLFVWEDY
DKYVIFASFNLIWSTVILELWKRGCANMTYRWGTLLMKRKFEEPRPGFHGVLGINSITGKEEPLYPSYKRQLRIYLVSLP
FVCLCLYFSLYVMMIYFDMEVWALGLHENSGSEWTSVLLYVPSIIYAIVIEIMNRLYRYAAEFLTSWENHRLESAYQNHL
ILKVLVFNFLNCFASLFYIAFVLKDMKLLRQSLATLLITSQILNQIMESFLPYWLQRKHGVRVKRKVQALKADIDATLYE
QVILEKEMGTYLGTFDDYLELFLQFGYVSLFSCVYPLAAAFAVLNNFTEVNSDALKMCRVFKRPFSEPSANIGVWQLAFE
TMSVISVVTNCALIGMSPQVNAVFPESKADLILIVVAVEHALLALKFILAFAIPDKPRHIQMKLARLEFESLEALKQQQM
KLVTENLKEEPMESGKEKATAENLYFQ
;
_entity_poly.pdbx_strand_id   A,B
#
# COMPACT_ATOMS: atom_id res chain seq x y z
N SER A 14 -16.92 -49.57 5.89
CA SER A 14 -16.89 -48.29 6.60
C SER A 14 -15.56 -47.55 6.36
N PHE A 15 -15.58 -46.22 6.59
CA PHE A 15 -14.44 -45.31 6.43
C PHE A 15 -14.03 -44.66 7.77
N THR A 16 -13.06 -43.72 7.72
CA THR A 16 -12.63 -42.96 8.88
C THR A 16 -13.52 -41.70 8.95
N PRO A 17 -14.36 -41.55 10.01
CA PRO A 17 -15.25 -40.39 10.08
C PRO A 17 -14.51 -39.11 10.41
N LEU A 18 -14.70 -38.05 9.58
CA LEU A 18 -14.01 -36.78 9.79
C LEU A 18 -14.97 -35.63 10.10
N VAL A 19 -16.07 -35.50 9.33
CA VAL A 19 -17.07 -34.42 9.48
C VAL A 19 -18.46 -35.03 9.78
N VAL A 20 -19.21 -34.41 10.70
CA VAL A 20 -20.55 -34.85 11.09
C VAL A 20 -21.59 -33.81 10.62
N ILE A 21 -22.73 -34.30 10.10
CA ILE A 21 -23.88 -33.49 9.67
C ILE A 21 -25.07 -33.92 10.51
N GLU A 22 -25.69 -32.96 11.21
CA GLU A 22 -26.87 -33.23 12.02
C GLU A 22 -28.10 -32.64 11.35
N LEU A 23 -29.11 -33.47 11.11
CA LEU A 23 -30.37 -33.06 10.49
C LEU A 23 -31.43 -32.87 11.56
N ALA A 24 -32.50 -32.11 11.24
CA ALA A 24 -33.62 -31.84 12.15
C ALA A 24 -34.35 -33.14 12.55
N GLN A 25 -35.01 -33.14 13.73
CA GLN A 25 -35.66 -34.28 14.39
C GLN A 25 -36.39 -35.26 13.44
N ASP A 26 -37.26 -34.77 12.53
CA ASP A 26 -38.01 -35.67 11.64
C ASP A 26 -37.91 -35.25 10.16
N VAL A 27 -36.68 -35.27 9.61
CA VAL A 27 -36.43 -34.94 8.20
C VAL A 27 -36.89 -36.13 7.34
N LYS A 28 -37.61 -35.84 6.24
CA LYS A 28 -38.14 -36.84 5.28
C LYS A 28 -37.00 -37.65 4.65
N GLU A 29 -37.25 -38.94 4.37
CA GLU A 29 -36.28 -39.86 3.76
C GLU A 29 -35.89 -39.39 2.35
N GLU A 30 -36.86 -38.75 1.65
CA GLU A 30 -36.74 -38.16 0.31
C GLU A 30 -35.62 -37.11 0.32
N THR A 31 -35.56 -36.29 1.38
CA THR A 31 -34.56 -35.24 1.59
C THR A 31 -33.18 -35.86 1.91
N LYS A 32 -33.15 -36.81 2.89
CA LYS A 32 -31.96 -37.51 3.38
C LYS A 32 -31.23 -38.24 2.27
N GLU A 33 -31.96 -38.93 1.38
CA GLU A 33 -31.37 -39.68 0.27
C GLU A 33 -30.82 -38.73 -0.79
N TRP A 34 -31.54 -37.62 -1.06
CA TRP A 34 -31.14 -36.60 -2.03
C TRP A 34 -29.83 -35.93 -1.59
N LEU A 35 -29.70 -35.63 -0.27
CA LEU A 35 -28.51 -35.04 0.34
C LEU A 35 -27.34 -36.03 0.25
N LYS A 36 -27.63 -37.34 0.47
CA LYS A 36 -26.66 -38.44 0.39
C LYS A 36 -26.09 -38.55 -1.03
N ASN A 37 -26.96 -38.43 -2.05
CA ASN A 37 -26.59 -38.51 -3.46
C ASN A 37 -25.63 -37.39 -3.87
N ARG A 38 -25.91 -36.13 -3.49
CA ARG A 38 -25.06 -35.00 -3.84
C ARG A 38 -23.67 -35.07 -3.16
N ILE A 39 -23.59 -35.70 -1.96
CA ILE A 39 -22.34 -35.87 -1.21
C ILE A 39 -21.55 -37.09 -1.73
N ILE A 40 -22.22 -38.08 -2.37
CA ILE A 40 -21.58 -39.30 -2.86
C ILE A 40 -21.21 -39.21 -4.37
N ALA A 41 -22.16 -38.79 -5.25
CA ALA A 41 -21.99 -38.70 -6.71
C ALA A 41 -20.72 -37.97 -7.14
N LYS A 42 -20.08 -38.47 -8.22
CA LYS A 42 -18.82 -37.94 -8.77
C LYS A 42 -19.00 -36.48 -9.24
N LYS A 43 -17.90 -35.68 -9.14
CA LYS A 43 -17.87 -34.27 -9.51
C LYS A 43 -18.27 -34.01 -10.97
N LYS A 44 -18.06 -35.01 -11.86
CA LYS A 44 -18.44 -34.97 -13.27
C LYS A 44 -19.96 -34.79 -13.44
N ASP A 45 -20.74 -35.48 -12.58
CA ASP A 45 -22.21 -35.44 -12.57
C ASP A 45 -22.75 -34.33 -11.64
N GLY A 46 -21.85 -33.56 -11.03
CA GLY A 46 -22.21 -32.49 -10.11
C GLY A 46 -22.41 -33.02 -8.71
N GLY A 47 -21.61 -32.50 -7.78
CA GLY A 47 -21.64 -32.91 -6.39
C GLY A 47 -20.31 -33.51 -5.96
N ALA A 48 -19.92 -33.28 -4.69
CA ALA A 48 -18.68 -33.76 -4.07
C ALA A 48 -18.57 -35.27 -4.13
N GLN A 49 -17.37 -35.78 -4.43
CA GLN A 49 -17.10 -37.22 -4.55
C GLN A 49 -16.64 -37.79 -3.19
N LEU A 50 -17.39 -37.45 -2.13
CA LEU A 50 -17.12 -37.87 -0.76
C LEU A 50 -17.85 -39.17 -0.42
N LEU A 51 -17.72 -39.62 0.84
CA LEU A 51 -18.36 -40.82 1.36
C LEU A 51 -19.37 -40.41 2.44
N PHE A 52 -20.56 -41.04 2.42
CA PHE A 52 -21.65 -40.74 3.35
C PHE A 52 -22.18 -42.01 3.97
N ARG A 53 -22.36 -42.00 5.30
CA ARG A 53 -22.86 -43.15 6.07
C ARG A 53 -23.50 -42.65 7.40
N PRO A 54 -24.63 -43.24 7.87
CA PRO A 54 -25.22 -42.79 9.14
C PRO A 54 -24.37 -43.22 10.33
N LEU A 55 -24.50 -42.49 11.48
CA LEU A 55 -23.75 -42.77 12.71
C LEU A 55 -23.91 -44.24 13.13
N LEU A 56 -25.13 -44.78 13.00
CA LEU A 56 -25.44 -46.18 13.31
C LEU A 56 -25.96 -46.87 12.05
N GLN A 67 -31.16 -40.33 15.56
CA GLN A 67 -30.94 -38.92 15.92
C GLN A 67 -30.55 -38.05 14.69
N ASN A 68 -30.60 -38.64 13.48
CA ASN A 68 -30.29 -38.03 12.19
C ASN A 68 -28.88 -37.39 12.18
N LEU A 69 -27.88 -38.17 12.64
CA LEU A 69 -26.46 -37.82 12.67
C LEU A 69 -25.76 -38.63 11.61
N TYR A 70 -25.04 -37.96 10.69
CA TYR A 70 -24.38 -38.63 9.58
C TYR A 70 -22.89 -38.31 9.50
N LEU A 71 -22.07 -39.32 9.17
CA LEU A 71 -20.62 -39.25 9.08
C LEU A 71 -20.16 -39.10 7.63
N VAL A 72 -19.19 -38.19 7.40
CA VAL A 72 -18.64 -37.89 6.06
C VAL A 72 -17.11 -38.07 6.08
N GLY A 73 -16.61 -38.77 5.06
CA GLY A 73 -15.19 -39.03 4.83
C GLY A 73 -14.91 -39.03 3.35
N ALA A 74 -13.68 -39.44 2.95
CA ALA A 74 -13.26 -39.50 1.54
C ALA A 74 -12.09 -40.47 1.34
N SER A 75 -11.79 -40.79 0.07
CA SER A 75 -10.66 -41.66 -0.31
C SER A 75 -9.36 -40.89 -0.15
N LYS A 76 -8.22 -41.60 0.02
CA LYS A 76 -6.89 -40.99 0.14
C LYS A 76 -6.57 -40.19 -1.13
N ILE A 77 -6.89 -40.76 -2.32
CA ILE A 77 -6.69 -40.14 -3.63
C ILE A 77 -7.64 -38.94 -3.79
N ARG A 78 -8.91 -39.08 -3.35
CA ARG A 78 -9.93 -38.01 -3.39
C ARG A 78 -9.48 -36.81 -2.55
N MET A 79 -8.91 -37.07 -1.36
CA MET A 79 -8.42 -36.05 -0.43
C MET A 79 -7.28 -35.24 -1.06
N LEU A 80 -6.36 -35.93 -1.78
CA LEU A 80 -5.22 -35.30 -2.44
C LEU A 80 -5.69 -34.41 -3.59
N LEU A 81 -6.74 -34.86 -4.32
CA LEU A 81 -7.34 -34.10 -5.42
C LEU A 81 -8.08 -32.88 -4.89
N GLY A 82 -8.64 -33.02 -3.69
CA GLY A 82 -9.33 -31.96 -2.98
C GLY A 82 -8.35 -30.93 -2.43
N ALA A 83 -7.12 -31.38 -2.05
CA ALA A 83 -6.04 -30.54 -1.54
C ALA A 83 -5.48 -29.64 -2.64
N GLU A 84 -5.49 -30.13 -3.89
CA GLU A 84 -5.07 -29.42 -5.10
C GLU A 84 -6.10 -28.34 -5.43
N ALA A 85 -7.41 -28.68 -5.26
CA ALA A 85 -8.58 -27.83 -5.52
C ALA A 85 -8.57 -26.57 -4.65
N VAL A 86 -8.27 -26.72 -3.33
CA VAL A 86 -8.21 -25.61 -2.38
C VAL A 86 -6.88 -24.84 -2.53
N GLY A 87 -5.88 -25.50 -3.13
CA GLY A 87 -4.56 -24.93 -3.39
C GLY A 87 -3.67 -24.86 -2.17
N LEU A 88 -3.49 -26.01 -1.48
CA LEU A 88 -2.64 -26.11 -0.29
C LEU A 88 -1.17 -26.06 -0.69
N VAL A 89 -0.42 -25.14 -0.08
CA VAL A 89 1.00 -24.94 -0.38
C VAL A 89 1.83 -25.77 0.62
N LYS A 90 2.64 -26.71 0.09
CA LYS A 90 3.51 -27.59 0.86
C LYS A 90 4.97 -27.43 0.40
N GLU A 91 5.94 -27.77 1.26
CA GLU A 91 7.37 -27.68 0.95
C GLU A 91 7.79 -28.82 0.03
N CYS A 92 8.56 -28.49 -1.01
CA CYS A 92 9.09 -29.46 -1.98
C CYS A 92 10.47 -29.96 -1.51
N ASN A 93 11.05 -30.90 -2.27
CA ASN A 93 12.37 -31.48 -1.97
C ASN A 93 13.51 -30.45 -2.19
N ASP A 94 13.26 -29.41 -3.01
CA ASP A 94 14.23 -28.35 -3.29
C ASP A 94 14.03 -27.16 -2.31
N ASN A 95 13.33 -27.42 -1.18
CA ASN A 95 13.01 -26.52 -0.06
C ASN A 95 12.14 -25.30 -0.47
N THR A 96 11.55 -25.34 -1.69
CA THR A 96 10.65 -24.28 -2.17
C THR A 96 9.21 -24.64 -1.82
N MET A 97 8.39 -23.63 -1.49
CA MET A 97 6.99 -23.81 -1.13
C MET A 97 6.12 -23.65 -2.37
N ARG A 98 5.48 -24.73 -2.82
CA ARG A 98 4.63 -24.71 -4.02
C ARG A 98 3.24 -25.30 -3.72
N ALA A 99 2.23 -24.89 -4.50
CA ALA A 99 0.86 -25.40 -4.37
C ALA A 99 0.81 -26.85 -4.83
N PHE A 100 0.13 -27.71 -4.05
CA PHE A 100 0.04 -29.15 -4.30
C PHE A 100 -0.76 -29.48 -5.56
N THR A 101 -0.28 -30.49 -6.30
CA THR A 101 -0.85 -31.06 -7.53
C THR A 101 -0.65 -32.57 -7.43
N TYR A 102 -1.69 -33.37 -7.76
CA TYR A 102 -1.64 -34.84 -7.70
C TYR A 102 -0.60 -35.39 -8.71
N ARG A 103 -0.41 -34.72 -9.85
CA ARG A 103 0.57 -35.13 -10.87
C ARG A 103 2.02 -34.91 -10.38
N THR A 104 2.24 -33.88 -9.54
CA THR A 104 3.55 -33.52 -9.01
C THR A 104 3.67 -33.88 -7.50
N ARG A 105 2.93 -34.92 -7.05
CA ARG A 105 2.89 -35.36 -5.64
C ARG A 105 4.24 -35.87 -5.11
N GLN A 106 5.09 -36.47 -5.98
CA GLN A 106 6.38 -37.06 -5.61
C GLN A 106 7.44 -36.01 -5.26
N ASN A 107 7.31 -34.78 -5.81
CA ASN A 107 8.26 -33.69 -5.59
C ASN A 107 8.10 -33.01 -4.21
N PHE A 108 6.99 -33.28 -3.51
CA PHE A 108 6.71 -32.70 -2.20
C PHE A 108 7.39 -33.48 -1.07
N LYS A 109 8.08 -32.76 -0.17
CA LYS A 109 8.80 -33.31 0.97
C LYS A 109 7.83 -33.94 1.97
N GLY A 110 8.15 -35.17 2.37
CA GLY A 110 7.36 -35.96 3.31
C GLY A 110 6.25 -36.78 2.69
N PHE A 111 6.20 -36.81 1.35
CA PHE A 111 5.18 -37.57 0.64
C PHE A 111 5.65 -39.00 0.38
N ASP A 112 4.71 -39.95 0.51
CA ASP A 112 4.88 -41.37 0.25
C ASP A 112 3.52 -41.98 -0.05
N ASP A 113 3.44 -42.82 -1.10
CA ASP A 113 2.19 -43.49 -1.50
C ASP A 113 1.82 -44.58 -0.49
N ASN A 114 2.83 -45.12 0.24
CA ASN A 114 2.65 -46.12 1.30
C ASN A 114 2.06 -45.45 2.56
N ASN A 115 2.21 -44.10 2.68
CA ASN A 115 1.73 -43.28 3.78
C ASN A 115 0.32 -42.70 3.51
N ASP A 116 -0.27 -42.10 4.54
CA ASP A 116 -1.58 -41.44 4.55
C ASP A 116 -1.53 -40.23 5.47
N ASP A 117 -0.36 -40.02 6.14
CA ASP A 117 -0.09 -38.94 7.08
C ASP A 117 0.50 -37.68 6.39
N PHE A 118 0.25 -37.52 5.06
CA PHE A 118 0.72 -36.35 4.30
C PHE A 118 -0.12 -35.11 4.64
N LEU A 119 -1.46 -35.24 4.55
CA LEU A 119 -2.41 -34.19 4.91
C LEU A 119 -2.87 -34.41 6.34
N THR A 120 -2.93 -33.34 7.16
CA THR A 120 -3.37 -33.44 8.55
C THR A 120 -4.89 -33.63 8.59
N MET A 121 -5.44 -34.03 9.76
CA MET A 121 -6.88 -34.22 9.94
C MET A 121 -7.62 -32.87 9.76
N ALA A 122 -7.00 -31.77 10.26
CA ALA A 122 -7.52 -30.40 10.16
C ALA A 122 -7.64 -29.97 8.69
N GLU A 123 -6.62 -30.31 7.86
CA GLU A 123 -6.58 -30.03 6.42
C GLU A 123 -7.68 -30.82 5.73
N CYS A 124 -7.79 -32.13 6.06
CA CYS A 124 -8.77 -33.06 5.52
C CYS A 124 -10.20 -32.57 5.76
N GLN A 125 -10.52 -32.17 7.00
CA GLN A 125 -11.83 -31.68 7.40
C GLN A 125 -12.16 -30.35 6.71
N PHE A 126 -11.13 -29.49 6.45
CA PHE A 126 -11.32 -28.22 5.75
C PHE A 126 -11.72 -28.45 4.30
N ILE A 127 -11.08 -29.43 3.63
CA ILE A 127 -11.32 -29.81 2.24
C ILE A 127 -12.77 -30.35 2.11
N ILE A 128 -13.21 -31.20 3.06
CA ILE A 128 -14.57 -31.77 3.08
C ILE A 128 -15.58 -30.62 3.24
N LYS A 129 -15.32 -29.67 4.17
CA LYS A 129 -16.16 -28.49 4.39
C LYS A 129 -16.27 -27.66 3.11
N HIS A 130 -15.13 -27.44 2.42
CA HIS A 130 -15.03 -26.69 1.17
C HIS A 130 -15.89 -27.33 0.07
N GLU A 131 -15.87 -28.68 -0.03
CA GLU A 131 -16.63 -29.43 -1.03
C GLU A 131 -18.13 -29.38 -0.75
N LEU A 132 -18.53 -29.46 0.54
CA LEU A 132 -19.93 -29.39 0.98
C LEU A 132 -20.50 -27.98 0.76
N GLU A 133 -19.66 -26.94 0.94
CA GLU A 133 -20.02 -25.53 0.75
C GLU A 133 -20.22 -25.19 -0.72
N ASN A 134 -19.51 -25.89 -1.61
CA ASN A 134 -19.58 -25.65 -3.05
C ASN A 134 -20.57 -26.61 -3.75
N LEU A 135 -21.46 -27.26 -2.95
CA LEU A 135 -22.53 -28.12 -3.45
C LEU A 135 -23.65 -27.20 -3.90
N ARG A 136 -23.85 -27.08 -5.23
CA ARG A 136 -24.84 -26.13 -5.76
C ARG A 136 -25.98 -26.85 -6.49
N ALA A 137 -27.20 -26.28 -6.37
CA ALA A 137 -28.42 -26.77 -7.01
C ALA A 137 -28.32 -26.73 -8.54
N LYS A 138 -28.76 -27.81 -9.20
CA LYS A 138 -28.72 -27.91 -10.66
C LYS A 138 -30.09 -27.55 -11.25
N ASP A 139 -30.98 -28.54 -11.39
CA ASP A 139 -32.32 -28.36 -11.96
C ASP A 139 -33.41 -28.31 -10.88
N GLU A 140 -33.06 -28.63 -9.61
CA GLU A 140 -33.99 -28.65 -8.47
C GLU A 140 -34.50 -27.23 -8.16
N LYS A 141 -35.84 -27.08 -8.13
CA LYS A 141 -36.54 -25.82 -7.90
C LYS A 141 -36.88 -25.62 -6.40
N MET A 142 -36.57 -26.63 -5.56
CA MET A 142 -36.78 -26.66 -4.11
C MET A 142 -36.00 -27.82 -3.48
N ILE A 143 -35.88 -27.84 -2.14
CA ILE A 143 -35.26 -28.96 -1.43
C ILE A 143 -36.31 -30.10 -1.43
N PRO A 144 -36.01 -31.27 -2.05
CA PRO A 144 -37.01 -32.36 -2.12
C PRO A 144 -37.67 -32.67 -0.77
N GLY A 145 -39.01 -32.63 -0.76
CA GLY A 145 -39.82 -32.87 0.42
C GLY A 145 -40.24 -31.61 1.16
N TYR A 146 -39.54 -30.50 0.92
CA TYR A 146 -39.80 -29.21 1.57
C TYR A 146 -39.99 -28.12 0.50
N PRO A 147 -41.25 -27.93 0.02
CA PRO A 147 -41.51 -26.93 -1.04
C PRO A 147 -41.22 -25.49 -0.62
N GLN A 148 -41.32 -25.17 0.68
CA GLN A 148 -41.05 -23.84 1.24
C GLN A 148 -39.58 -23.44 1.04
N ALA A 149 -38.65 -24.42 1.18
CA ALA A 149 -37.21 -24.23 1.01
C ALA A 149 -36.86 -24.30 -0.49
N LYS A 150 -37.23 -23.23 -1.21
CA LYS A 150 -37.04 -23.05 -2.64
C LYS A 150 -35.57 -23.00 -3.03
N LEU A 151 -35.26 -23.39 -4.27
CA LEU A 151 -33.89 -23.40 -4.82
C LEU A 151 -33.87 -22.85 -6.25
N TYR A 152 -32.67 -22.51 -6.74
CA TYR A 152 -32.44 -21.99 -8.10
C TYR A 152 -31.05 -22.44 -8.58
N PRO A 153 -30.78 -22.52 -9.92
CA PRO A 153 -29.45 -22.98 -10.36
C PRO A 153 -28.32 -22.07 -9.86
N GLY A 154 -27.37 -22.69 -9.17
CA GLY A 154 -26.22 -22.02 -8.60
C GLY A 154 -26.25 -21.84 -7.09
N LYS A 155 -27.44 -21.96 -6.48
CA LYS A 155 -27.63 -21.77 -5.03
C LYS A 155 -26.96 -22.89 -4.22
N SER A 156 -26.17 -22.48 -3.20
CA SER A 156 -25.46 -23.37 -2.27
C SER A 156 -26.50 -24.20 -1.48
N LEU A 157 -26.40 -25.53 -1.58
CA LEU A 157 -27.32 -26.46 -0.93
C LEU A 157 -27.17 -26.39 0.60
N LEU A 158 -25.91 -26.42 1.10
CA LEU A 158 -25.58 -26.35 2.53
C LEU A 158 -26.16 -25.10 3.19
N ARG A 159 -26.13 -23.95 2.47
CA ARG A 159 -26.68 -22.68 2.96
C ARG A 159 -28.20 -22.77 3.09
N ARG A 160 -28.89 -23.22 2.02
CA ARG A 160 -30.35 -23.38 2.00
C ARG A 160 -30.82 -24.38 3.05
N LEU A 161 -30.05 -25.47 3.27
CA LEU A 161 -30.36 -26.49 4.26
C LEU A 161 -30.26 -25.90 5.69
N LEU A 162 -29.23 -25.05 5.93
CA LEU A 162 -29.00 -24.40 7.22
C LEU A 162 -30.01 -23.29 7.49
N THR A 163 -30.38 -22.51 6.44
CA THR A 163 -31.34 -21.39 6.52
C THR A 163 -32.74 -21.92 6.87
N SER A 164 -33.23 -22.94 6.13
CA SER A 164 -34.54 -23.57 6.32
C SER A 164 -34.63 -24.29 7.67
N GLY A 165 -33.51 -24.84 8.13
CA GLY A 165 -33.41 -25.56 9.39
C GLY A 165 -33.44 -27.07 9.24
N ILE A 166 -33.32 -27.58 7.99
CA ILE A 166 -33.30 -29.02 7.68
C ILE A 166 -31.98 -29.60 8.24
N VAL A 167 -30.86 -28.89 8.05
CA VAL A 167 -29.56 -29.25 8.61
C VAL A 167 -29.34 -28.32 9.81
N ILE A 168 -29.24 -28.89 11.02
CA ILE A 168 -29.02 -28.12 12.25
C ILE A 168 -27.58 -27.59 12.27
N GLN A 169 -26.58 -28.48 12.06
CA GLN A 169 -25.16 -28.11 12.09
C GLN A 169 -24.26 -29.09 11.33
N VAL A 170 -23.07 -28.60 10.93
CA VAL A 170 -22.00 -29.35 10.27
C VAL A 170 -20.71 -29.01 11.04
N PHE A 171 -20.01 -30.05 11.56
CA PHE A 171 -18.81 -29.81 12.37
C PHE A 171 -17.73 -30.91 12.22
N PRO A 172 -16.43 -30.56 12.35
CA PRO A 172 -15.38 -31.60 12.26
C PRO A 172 -15.21 -32.33 13.59
N LEU A 173 -14.82 -33.63 13.53
CA LEU A 173 -14.60 -34.48 14.71
C LEU A 173 -13.21 -34.32 15.32
N HIS A 174 -13.15 -34.33 16.65
CA HIS A 174 -11.92 -34.24 17.44
C HIS A 174 -11.13 -35.55 17.40
N ASP A 175 -9.79 -35.47 17.40
CA ASP A 175 -8.91 -36.63 17.49
C ASP A 175 -8.38 -36.64 18.93
N SER A 176 -9.14 -37.31 19.82
CA SER A 176 -8.91 -37.44 21.26
C SER A 176 -7.44 -37.65 21.63
N GLU A 177 -6.79 -38.66 21.03
CA GLU A 177 -5.38 -39.02 21.28
C GLU A 177 -4.42 -37.87 20.88
N ALA A 178 -4.65 -37.25 19.71
CA ALA A 178 -3.85 -36.13 19.20
C ALA A 178 -4.02 -34.88 20.06
N LEU A 179 -5.28 -34.60 20.48
CA LEU A 179 -5.64 -33.45 21.31
C LEU A 179 -4.98 -33.55 22.69
N LYS A 180 -4.94 -34.77 23.28
CA LYS A 180 -4.32 -35.03 24.58
C LYS A 180 -2.80 -34.82 24.54
N LYS A 181 -2.15 -35.19 23.41
CA LYS A 181 -0.72 -35.03 23.19
C LYS A 181 -0.34 -33.55 23.10
N LEU A 182 -1.18 -32.74 22.41
CA LEU A 182 -1.00 -31.30 22.26
C LEU A 182 -1.20 -30.59 23.62
N GLU A 183 -2.24 -31.01 24.37
CA GLU A 183 -2.63 -30.49 25.69
C GLU A 183 -1.47 -30.44 26.68
N ASP A 184 -0.68 -31.53 26.73
CA ASP A 184 0.45 -31.66 27.65
C ASP A 184 1.63 -30.76 27.26
N THR A 185 1.75 -30.42 25.95
CA THR A 185 2.81 -29.54 25.44
C THR A 185 2.34 -28.06 25.44
N TRP A 186 1.02 -27.83 25.59
CA TRP A 186 0.38 -26.51 25.61
C TRP A 186 0.19 -25.98 27.04
N TYR A 187 -0.33 -26.84 27.94
CA TYR A 187 -0.59 -26.56 29.37
C TYR A 187 -0.71 -27.89 30.12
N LEU A 192 7.36 -22.34 32.50
CA LEU A 192 7.68 -21.30 31.53
C LEU A 192 8.39 -21.90 30.31
N LYS A 193 7.85 -21.61 29.10
CA LYS A 193 8.34 -22.10 27.80
C LYS A 193 7.70 -21.35 26.61
N TYR A 194 8.22 -21.58 25.39
CA TYR A 194 7.67 -21.01 24.16
C TYR A 194 6.50 -21.88 23.71
N GLN A 195 5.35 -21.25 23.40
CA GLN A 195 4.11 -21.93 22.97
C GLN A 195 4.32 -22.78 21.70
N PRO A 196 3.71 -23.98 21.59
CA PRO A 196 3.89 -24.80 20.38
C PRO A 196 2.89 -24.42 19.27
N ILE A 197 3.13 -23.25 18.64
CA ILE A 197 2.30 -22.65 17.58
C ILE A 197 2.19 -23.58 16.36
N ASP A 198 3.29 -24.28 15.99
CA ASP A 198 3.29 -25.22 14.86
C ASP A 198 2.40 -26.44 15.17
N SER A 199 2.32 -26.86 16.44
CA SER A 199 1.48 -27.97 16.89
C SER A 199 0.01 -27.56 16.92
N ILE A 200 -0.29 -26.30 17.35
CA ILE A 200 -1.65 -25.72 17.39
C ILE A 200 -2.17 -25.62 15.94
N ARG A 201 -1.29 -25.23 14.99
CA ARG A 201 -1.55 -25.10 13.56
C ARG A 201 -2.00 -26.43 12.97
N GLY A 202 -1.25 -27.50 13.27
CA GLY A 202 -1.52 -28.86 12.80
C GLY A 202 -2.84 -29.44 13.25
N TYR A 203 -3.35 -29.02 14.41
CA TYR A 203 -4.60 -29.53 14.97
C TYR A 203 -5.81 -28.60 14.72
N PHE A 204 -5.66 -27.29 14.97
CA PHE A 204 -6.76 -26.32 14.87
C PHE A 204 -6.77 -25.49 13.59
N GLY A 205 -5.61 -25.28 12.97
CA GLY A 205 -5.51 -24.49 11.74
C GLY A 205 -4.72 -23.21 11.87
N GLU A 206 -4.56 -22.51 10.73
CA GLU A 206 -3.80 -21.27 10.64
C GLU A 206 -4.40 -20.11 11.42
N THR A 207 -5.74 -19.96 11.45
CA THR A 207 -6.44 -18.87 12.13
C THR A 207 -6.30 -18.95 13.66
N ILE A 208 -6.52 -20.15 14.26
CA ILE A 208 -6.42 -20.34 15.71
C ILE A 208 -4.94 -20.23 16.15
N ALA A 209 -4.02 -20.87 15.41
CA ALA A 209 -2.58 -20.81 15.71
C ALA A 209 -2.05 -19.39 15.61
N LEU A 210 -2.59 -18.58 14.66
CA LEU A 210 -2.20 -17.18 14.50
C LEU A 210 -2.63 -16.37 15.70
N TYR A 211 -3.80 -16.71 16.31
CA TYR A 211 -4.26 -16.02 17.51
C TYR A 211 -3.33 -16.30 18.68
N PHE A 212 -2.97 -17.59 18.90
CA PHE A 212 -2.09 -17.99 19.99
C PHE A 212 -0.64 -17.53 19.71
N GLY A 213 -0.34 -17.29 18.44
CA GLY A 213 0.94 -16.75 17.99
C GLY A 213 1.04 -15.27 18.31
N PHE A 214 -0.08 -14.53 18.10
CA PHE A 214 -0.19 -13.11 18.40
C PHE A 214 -0.27 -12.88 19.89
N LEU A 215 -1.00 -13.76 20.62
CA LEU A 215 -1.15 -13.68 22.08
C LEU A 215 0.23 -13.79 22.74
N GLU A 216 1.03 -14.81 22.36
CA GLU A 216 2.38 -15.05 22.86
C GLU A 216 3.29 -13.85 22.58
N TYR A 217 3.19 -13.28 21.35
CA TYR A 217 3.98 -12.12 20.92
C TYR A 217 3.62 -10.86 21.70
N PHE A 218 2.31 -10.53 21.78
CA PHE A 218 1.78 -9.36 22.47
C PHE A 218 2.13 -9.37 23.96
N THR A 219 2.12 -10.57 24.60
CA THR A 219 2.48 -10.73 26.02
C THR A 219 3.95 -10.33 26.21
N PHE A 220 4.85 -10.81 25.31
CA PHE A 220 6.28 -10.49 25.35
C PHE A 220 6.50 -9.01 25.04
N ALA A 221 5.74 -8.47 24.06
CA ALA A 221 5.79 -7.08 23.63
C ALA A 221 5.42 -6.12 24.78
N LEU A 222 4.43 -6.50 25.61
CA LEU A 222 3.99 -5.70 26.75
C LEU A 222 4.99 -5.65 27.91
N ILE A 223 5.89 -6.68 28.02
CA ILE A 223 6.88 -6.83 29.10
C ILE A 223 7.75 -5.55 29.26
N PRO A 224 8.36 -4.93 28.22
CA PRO A 224 9.14 -3.69 28.46
C PRO A 224 8.30 -2.60 29.13
N MET A 225 7.05 -2.37 28.62
CA MET A 225 6.08 -1.39 29.15
C MET A 225 5.67 -1.68 30.59
N ALA A 226 5.65 -2.98 30.98
CA ALA A 226 5.32 -3.41 32.34
C ALA A 226 6.48 -3.09 33.29
N VAL A 227 7.73 -3.30 32.84
CA VAL A 227 8.95 -3.06 33.63
C VAL A 227 9.22 -1.55 33.73
N ILE A 228 9.07 -0.77 32.63
CA ILE A 228 9.30 0.68 32.62
C ILE A 228 8.25 1.38 33.51
N GLY A 229 6.99 0.96 33.41
CA GLY A 229 5.88 1.51 34.17
C GLY A 229 5.83 1.19 35.65
N LEU A 230 6.48 0.08 36.06
CA LEU A 230 6.51 -0.39 37.46
C LEU A 230 7.09 0.67 38.44
N PRO A 231 8.30 1.28 38.25
CA PRO A 231 8.78 2.28 39.23
C PRO A 231 8.01 3.60 39.23
N TYR A 232 7.18 3.87 38.18
CA TYR A 232 6.36 5.08 38.08
C TYR A 232 5.22 5.05 39.12
N TYR A 233 4.75 3.84 39.47
CA TYR A 233 3.71 3.61 40.47
C TYR A 233 4.33 3.52 41.86
N LEU A 234 5.37 2.65 42.01
CA LEU A 234 6.07 2.35 43.26
C LEU A 234 6.66 3.57 43.95
N PHE A 235 7.35 4.45 43.20
CA PHE A 235 8.01 5.62 43.75
C PHE A 235 7.20 6.91 43.52
N VAL A 236 6.03 6.80 42.86
CA VAL A 236 5.08 7.88 42.52
C VAL A 236 5.86 9.00 41.78
N TRP A 237 6.24 8.69 40.53
CA TRP A 237 6.98 9.60 39.66
C TRP A 237 6.00 10.47 38.89
N GLU A 238 5.83 11.73 39.34
CA GLU A 238 4.89 12.69 38.75
C GLU A 238 5.63 13.95 38.25
N ASP A 239 6.68 13.76 37.44
CA ASP A 239 7.47 14.84 36.85
C ASP A 239 7.20 14.98 35.36
N TYR A 240 7.42 16.20 34.81
CA TYR A 240 7.23 16.48 33.38
C TYR A 240 8.19 15.63 32.55
N ASP A 241 9.51 15.73 32.84
CA ASP A 241 10.57 14.99 32.15
C ASP A 241 10.32 13.48 32.22
N LYS A 242 9.97 12.94 33.41
CA LYS A 242 9.69 11.53 33.63
C LYS A 242 8.46 11.06 32.84
N TYR A 243 7.42 11.89 32.72
CA TYR A 243 6.22 11.51 31.96
C TYR A 243 6.47 11.58 30.45
N VAL A 244 7.28 12.56 29.99
CA VAL A 244 7.64 12.73 28.58
C VAL A 244 8.47 11.53 28.12
N ILE A 245 9.45 11.07 28.95
CA ILE A 245 10.31 9.93 28.64
C ILE A 245 9.45 8.66 28.44
N PHE A 246 8.52 8.39 29.38
CA PHE A 246 7.62 7.24 29.35
C PHE A 246 6.69 7.27 28.14
N ALA A 247 6.06 8.44 27.87
CA ALA A 247 5.14 8.64 26.73
C ALA A 247 5.89 8.55 25.40
N SER A 248 7.15 9.04 25.32
CA SER A 248 7.98 8.98 24.13
C SER A 248 8.31 7.52 23.81
N PHE A 249 8.67 6.75 24.86
CA PHE A 249 8.96 5.32 24.76
C PHE A 249 7.71 4.57 24.33
N ASN A 250 6.54 4.94 24.90
CA ASN A 250 5.21 4.37 24.62
C ASN A 250 4.87 4.49 23.13
N LEU A 251 5.04 5.69 22.55
CA LEU A 251 4.73 5.98 21.14
C LEU A 251 5.68 5.25 20.18
N ILE A 252 6.96 5.08 20.57
CA ILE A 252 7.95 4.35 19.76
C ILE A 252 7.61 2.85 19.81
N TRP A 253 7.33 2.34 21.04
CA TRP A 253 6.97 0.95 21.34
C TRP A 253 5.75 0.51 20.50
N SER A 254 4.68 1.31 20.49
CA SER A 254 3.43 1.08 19.76
C SER A 254 3.68 0.78 18.28
N THR A 255 4.53 1.60 17.61
CA THR A 255 4.85 1.46 16.19
C THR A 255 5.72 0.22 15.94
N VAL A 256 6.85 0.11 16.64
CA VAL A 256 7.85 -0.94 16.50
C VAL A 256 7.24 -2.34 16.77
N ILE A 257 6.39 -2.51 17.80
CA ILE A 257 5.80 -3.84 18.08
C ILE A 257 4.80 -4.26 16.98
N LEU A 258 4.00 -3.32 16.44
CA LEU A 258 3.02 -3.63 15.39
C LEU A 258 3.71 -3.89 14.05
N GLU A 259 4.89 -3.27 13.84
CA GLU A 259 5.71 -3.44 12.64
C GLU A 259 6.47 -4.77 12.72
N LEU A 260 7.06 -5.09 13.90
CA LEU A 260 7.80 -6.34 14.14
C LEU A 260 6.87 -7.55 14.08
N TRP A 261 5.57 -7.37 14.41
CA TRP A 261 4.58 -8.44 14.34
C TRP A 261 4.38 -8.85 12.88
N LYS A 262 4.24 -7.86 11.97
CA LYS A 262 4.07 -8.05 10.53
C LYS A 262 5.19 -8.94 9.97
N ARG A 263 6.46 -8.63 10.34
CA ARG A 263 7.67 -9.33 9.90
C ARG A 263 7.71 -10.77 10.45
N GLY A 264 7.34 -10.94 11.72
CA GLY A 264 7.30 -12.23 12.40
C GLY A 264 6.22 -13.15 11.85
N CYS A 265 5.03 -12.57 11.58
CA CYS A 265 3.87 -13.25 10.99
C CYS A 265 4.21 -13.72 9.58
N ALA A 266 4.93 -12.88 8.79
CA ALA A 266 5.36 -13.18 7.43
C ALA A 266 6.29 -14.40 7.38
N ASN A 267 7.18 -14.53 8.40
CA ASN A 267 8.12 -15.65 8.56
C ASN A 267 7.38 -16.97 8.80
N MET A 268 6.44 -16.93 9.76
CA MET A 268 5.61 -18.04 10.21
C MET A 268 4.70 -18.57 9.10
N THR A 269 3.92 -17.66 8.45
CA THR A 269 2.98 -18.00 7.39
C THR A 269 3.70 -18.50 6.13
N TYR A 270 4.95 -18.04 5.88
CA TYR A 270 5.74 -18.54 4.75
C TYR A 270 6.11 -20.01 5.03
N ARG A 271 6.59 -20.29 6.25
CA ARG A 271 6.97 -21.61 6.76
C ARG A 271 5.77 -22.57 6.67
N TRP A 272 4.56 -22.05 6.97
CA TRP A 272 3.30 -22.79 6.90
C TRP A 272 2.87 -23.01 5.45
N GLY A 273 3.12 -22.02 4.60
CA GLY A 273 2.78 -22.04 3.18
C GLY A 273 1.55 -21.22 2.82
N THR A 274 0.80 -20.78 3.84
CA THR A 274 -0.44 -20.00 3.71
C THR A 274 -0.17 -18.57 3.16
N LEU A 275 1.09 -18.07 3.25
CA LEU A 275 1.49 -16.76 2.73
C LEU A 275 1.58 -16.79 1.20
N LEU A 276 1.95 -17.95 0.65
CA LEU A 276 2.11 -18.20 -0.79
C LEU A 276 0.77 -18.55 -1.48
N MET A 277 -0.31 -18.63 -0.68
CA MET A 277 -1.64 -18.94 -1.16
C MET A 277 -2.33 -17.71 -1.71
N LYS A 278 -2.86 -17.82 -2.94
CA LYS A 278 -3.58 -16.75 -3.61
C LYS A 278 -5.07 -16.99 -3.33
N ARG A 279 -5.51 -16.52 -2.15
CA ARG A 279 -6.87 -16.68 -1.61
C ARG A 279 -7.94 -15.91 -2.39
N LYS A 280 -7.55 -14.90 -3.19
CA LYS A 280 -8.45 -14.08 -3.99
C LYS A 280 -9.18 -14.88 -5.11
N PHE A 281 -8.53 -15.95 -5.62
CA PHE A 281 -9.09 -16.79 -6.68
C PHE A 281 -9.90 -17.99 -6.12
N GLU A 282 -10.05 -18.08 -4.78
CA GLU A 282 -10.81 -19.14 -4.11
C GLU A 282 -12.30 -19.05 -4.41
N GLU A 283 -12.99 -20.20 -4.31
CA GLU A 283 -14.43 -20.33 -4.55
C GLU A 283 -15.24 -19.53 -3.49
N PRO A 284 -16.45 -19.00 -3.84
CA PRO A 284 -17.20 -18.17 -2.88
C PRO A 284 -17.77 -18.92 -1.68
N ARG A 285 -18.06 -18.16 -0.59
CA ARG A 285 -18.65 -18.64 0.66
C ARG A 285 -20.09 -19.14 0.41
N PRO A 286 -20.64 -20.10 1.21
CA PRO A 286 -22.01 -20.59 0.94
C PRO A 286 -23.10 -19.52 1.02
N GLY A 287 -22.85 -18.46 1.79
CA GLY A 287 -23.76 -17.33 1.96
C GLY A 287 -23.83 -16.37 0.80
N PHE A 288 -22.96 -16.55 -0.21
CA PHE A 288 -22.92 -15.70 -1.39
C PHE A 288 -23.92 -16.16 -2.44
N HIS A 289 -24.84 -15.25 -2.81
CA HIS A 289 -25.88 -15.46 -3.81
C HIS A 289 -25.63 -14.61 -5.05
N GLY A 290 -26.19 -15.05 -6.17
CA GLY A 290 -26.06 -14.39 -7.46
C GLY A 290 -26.51 -15.26 -8.61
N VAL A 291 -26.60 -14.68 -9.81
CA VAL A 291 -27.01 -15.39 -11.02
C VAL A 291 -25.85 -16.31 -11.44
N LEU A 292 -26.14 -17.62 -11.64
CA LEU A 292 -25.14 -18.61 -12.04
C LEU A 292 -24.60 -18.27 -13.43
N GLY A 293 -23.27 -18.14 -13.50
CA GLY A 293 -22.56 -17.81 -14.73
C GLY A 293 -21.10 -18.22 -14.68
N ILE A 294 -20.34 -17.86 -15.72
CA ILE A 294 -18.93 -18.18 -15.81
C ILE A 294 -18.11 -16.99 -15.30
N ASN A 295 -17.22 -17.28 -14.34
CA ASN A 295 -16.30 -16.30 -13.76
C ASN A 295 -15.33 -15.84 -14.84
N SER A 296 -15.06 -14.52 -14.91
CA SER A 296 -14.19 -13.92 -15.91
C SER A 296 -12.71 -14.25 -15.66
N ILE A 297 -12.32 -14.39 -14.38
CA ILE A 297 -10.95 -14.64 -13.95
C ILE A 297 -10.62 -16.14 -13.91
N THR A 298 -11.33 -16.92 -13.06
CA THR A 298 -11.08 -18.36 -12.85
C THR A 298 -11.75 -19.28 -13.89
N GLY A 299 -12.84 -18.81 -14.50
CA GLY A 299 -13.59 -19.58 -15.50
C GLY A 299 -14.51 -20.63 -14.93
N LYS A 300 -14.73 -20.60 -13.60
CA LYS A 300 -15.59 -21.54 -12.87
C LYS A 300 -17.06 -21.13 -12.95
N GLU A 301 -17.96 -22.13 -13.04
CA GLU A 301 -19.41 -21.88 -13.07
C GLU A 301 -19.88 -21.69 -11.63
N GLU A 302 -20.03 -20.42 -11.22
CA GLU A 302 -20.40 -20.03 -9.87
C GLU A 302 -21.36 -18.81 -9.88
N PRO A 303 -22.02 -18.44 -8.74
CA PRO A 303 -22.89 -17.26 -8.74
C PRO A 303 -22.13 -15.97 -9.04
N LEU A 304 -22.78 -15.03 -9.74
CA LEU A 304 -22.20 -13.74 -10.10
C LEU A 304 -23.06 -12.60 -9.53
N TYR A 305 -22.43 -11.68 -8.80
CA TYR A 305 -23.14 -10.54 -8.20
C TYR A 305 -22.41 -9.23 -8.51
N PRO A 306 -23.13 -8.18 -8.99
CA PRO A 306 -22.47 -6.91 -9.31
C PRO A 306 -21.97 -6.18 -8.07
N SER A 307 -20.69 -5.77 -8.10
CA SER A 307 -20.01 -5.07 -7.00
C SER A 307 -20.73 -3.78 -6.59
N TYR A 308 -21.30 -3.02 -7.58
CA TYR A 308 -22.02 -1.77 -7.32
C TYR A 308 -23.20 -1.96 -6.35
N LYS A 309 -23.94 -3.08 -6.46
CA LYS A 309 -25.09 -3.40 -5.60
C LYS A 309 -24.62 -3.57 -4.14
N ARG A 310 -23.47 -4.26 -3.95
CA ARG A 310 -22.83 -4.50 -2.65
C ARG A 310 -22.34 -3.17 -2.06
N GLN A 311 -21.72 -2.30 -2.89
CA GLN A 311 -21.17 -1.00 -2.49
C GLN A 311 -22.27 -0.04 -2.02
N LEU A 312 -23.43 -0.01 -2.72
CA LEU A 312 -24.56 0.85 -2.35
C LEU A 312 -25.12 0.44 -0.98
N ARG A 313 -25.23 -0.89 -0.73
CA ARG A 313 -25.70 -1.45 0.55
C ARG A 313 -24.74 -1.08 1.71
N ILE A 314 -23.42 -0.98 1.39
CA ILE A 314 -22.37 -0.65 2.35
C ILE A 314 -22.45 0.84 2.76
N TYR A 315 -22.39 1.76 1.79
CA TYR A 315 -22.32 3.19 2.03
C TYR A 315 -23.69 3.89 2.26
N LEU A 316 -24.80 3.33 1.76
CA LEU A 316 -26.10 3.99 1.92
C LEU A 316 -26.97 3.39 3.03
N VAL A 317 -26.78 2.11 3.39
CA VAL A 317 -27.61 1.47 4.42
C VAL A 317 -26.80 1.12 5.67
N SER A 318 -25.71 0.35 5.50
CA SER A 318 -24.87 -0.13 6.60
C SER A 318 -24.10 0.99 7.31
N LEU A 319 -23.36 1.83 6.55
CA LEU A 319 -22.56 2.94 7.10
C LEU A 319 -23.44 3.92 7.93
N PRO A 320 -24.62 4.43 7.44
CA PRO A 320 -25.41 5.34 8.29
C PRO A 320 -25.95 4.66 9.55
N PHE A 321 -26.25 3.34 9.49
CA PHE A 321 -26.74 2.57 10.63
C PHE A 321 -25.67 2.48 11.73
N VAL A 322 -24.42 2.18 11.36
CA VAL A 322 -23.28 2.07 12.28
C VAL A 322 -23.08 3.43 12.97
N CYS A 323 -23.22 4.54 12.22
CA CYS A 323 -23.09 5.91 12.72
C CYS A 323 -24.22 6.26 13.68
N LEU A 324 -25.43 5.72 13.45
CA LEU A 324 -26.58 5.96 14.32
C LEU A 324 -26.39 5.26 15.66
N CYS A 325 -25.88 4.01 15.65
CA CYS A 325 -25.61 3.20 16.83
C CYS A 325 -24.47 3.79 17.64
N LEU A 326 -23.47 4.39 16.94
CA LEU A 326 -22.32 5.06 17.55
C LEU A 326 -22.77 6.35 18.26
N TYR A 327 -23.75 7.07 17.66
CA TYR A 327 -24.33 8.29 18.24
C TYR A 327 -25.20 7.93 19.45
N PHE A 328 -25.96 6.83 19.34
CA PHE A 328 -26.83 6.33 20.42
C PHE A 328 -25.99 5.87 21.61
N SER A 329 -24.79 5.30 21.35
CA SER A 329 -23.84 4.85 22.38
C SER A 329 -23.40 6.03 23.22
N LEU A 330 -23.10 7.17 22.57
CA LEU A 330 -22.70 8.41 23.21
C LEU A 330 -23.87 9.04 23.97
N TYR A 331 -25.10 8.89 23.42
CA TYR A 331 -26.33 9.42 24.02
C TYR A 331 -26.64 8.68 25.34
N VAL A 332 -26.51 7.34 25.34
CA VAL A 332 -26.72 6.46 26.50
C VAL A 332 -25.66 6.74 27.58
N MET A 333 -24.39 6.91 27.14
CA MET A 333 -23.25 7.22 28.01
C MET A 333 -23.49 8.51 28.79
N MET A 334 -24.00 9.55 28.09
CA MET A 334 -24.34 10.85 28.65
C MET A 334 -25.43 10.71 29.72
N ILE A 335 -26.37 9.75 29.55
CA ILE A 335 -27.45 9.47 30.51
C ILE A 335 -26.84 8.92 31.81
N TYR A 336 -25.83 8.02 31.70
CA TYR A 336 -25.13 7.44 32.86
C TYR A 336 -24.39 8.53 33.65
N PHE A 337 -23.68 9.44 32.95
CA PHE A 337 -22.93 10.52 33.59
C PHE A 337 -23.88 11.57 34.16
N ASP A 338 -25.16 11.57 33.73
CA ASP A 338 -26.23 12.43 34.25
C ASP A 338 -26.87 11.73 35.45
N MET A 339 -26.85 10.38 35.45
CA MET A 339 -27.39 9.53 36.51
C MET A 339 -26.46 9.53 37.72
N GLU A 340 -25.13 9.62 37.48
CA GLU A 340 -24.09 9.67 38.51
C GLU A 340 -24.17 11.00 39.28
N VAL A 341 -24.68 12.06 38.61
CA VAL A 341 -24.89 13.40 39.16
C VAL A 341 -26.11 13.35 40.11
N TRP A 342 -27.22 12.71 39.68
CA TRP A 342 -28.45 12.54 40.47
C TRP A 342 -28.21 11.65 41.68
N ALA A 343 -27.33 10.62 41.54
CA ALA A 343 -26.98 9.69 42.62
C ALA A 343 -26.07 10.37 43.67
N LEU A 344 -25.26 11.37 43.24
CA LEU A 344 -24.35 12.13 44.11
C LEU A 344 -25.15 13.10 44.98
N GLY A 345 -26.14 13.77 44.38
CA GLY A 345 -27.03 14.72 45.04
C GLY A 345 -27.90 14.09 46.09
N LEU A 346 -28.36 12.84 45.85
CA LEU A 346 -29.20 12.06 46.75
C LEU A 346 -28.41 11.61 48.00
N HIS A 347 -27.11 11.30 47.82
CA HIS A 347 -26.20 10.89 48.91
C HIS A 347 -25.87 12.11 49.78
N GLU A 348 -25.75 13.30 49.16
CA GLU A 348 -25.47 14.57 49.82
C GLU A 348 -26.68 14.99 50.69
N ASN A 349 -27.89 14.59 50.28
CA ASN A 349 -29.15 14.85 50.99
C ASN A 349 -29.45 13.72 51.96
N SER A 352 -27.85 7.19 55.60
CA SER A 352 -26.55 6.99 54.95
C SER A 352 -26.33 5.53 54.55
N GLU A 353 -27.18 4.61 55.05
CA GLU A 353 -27.10 3.18 54.75
C GLU A 353 -27.70 2.85 53.38
N TRP A 354 -28.90 3.40 53.08
CA TRP A 354 -29.62 3.18 51.83
C TRP A 354 -28.98 3.94 50.65
N THR A 355 -28.39 5.12 50.91
CA THR A 355 -27.76 5.98 49.92
C THR A 355 -26.44 5.38 49.37
N SER A 356 -25.67 4.67 50.22
CA SER A 356 -24.40 4.03 49.86
C SER A 356 -24.60 2.92 48.82
N VAL A 357 -25.80 2.30 48.81
CA VAL A 357 -26.19 1.25 47.87
C VAL A 357 -26.60 1.91 46.53
N LEU A 358 -27.37 3.03 46.62
CA LEU A 358 -27.87 3.82 45.49
C LEU A 358 -26.75 4.43 44.62
N LEU A 359 -25.53 4.58 45.17
CA LEU A 359 -24.38 5.13 44.45
C LEU A 359 -23.83 4.15 43.40
N TYR A 360 -23.93 2.84 43.68
CA TYR A 360 -23.46 1.77 42.79
C TYR A 360 -24.47 1.48 41.67
N VAL A 361 -25.77 1.72 41.93
CA VAL A 361 -26.93 1.49 41.05
C VAL A 361 -26.71 2.08 39.60
N PRO A 362 -26.27 3.34 39.33
CA PRO A 362 -26.11 3.78 37.92
C PRO A 362 -25.01 3.03 37.17
N SER A 363 -23.92 2.65 37.86
CA SER A 363 -22.79 1.91 37.29
C SER A 363 -23.23 0.49 36.92
N ILE A 364 -24.16 -0.09 37.70
CA ILE A 364 -24.71 -1.44 37.49
C ILE A 364 -25.68 -1.40 36.28
N ILE A 365 -26.58 -0.39 36.24
CA ILE A 365 -27.58 -0.20 35.17
C ILE A 365 -26.87 -0.01 33.80
N TYR A 366 -25.91 0.94 33.70
CA TYR A 366 -25.18 1.26 32.48
C TYR A 366 -24.44 0.05 31.91
N ALA A 367 -23.73 -0.72 32.78
CA ALA A 367 -22.98 -1.91 32.39
C ALA A 367 -23.90 -3.02 31.83
N ILE A 368 -25.13 -3.11 32.36
CA ILE A 368 -26.16 -4.06 31.93
C ILE A 368 -26.70 -3.62 30.55
N VAL A 369 -27.01 -2.32 30.39
CA VAL A 369 -27.51 -1.71 29.14
C VAL A 369 -26.46 -1.93 28.01
N ILE A 370 -25.15 -1.81 28.33
CA ILE A 370 -24.04 -2.03 27.38
C ILE A 370 -24.09 -3.49 26.86
N GLU A 371 -24.32 -4.47 27.75
CA GLU A 371 -24.44 -5.89 27.40
C GLU A 371 -25.65 -6.14 26.50
N ILE A 372 -26.79 -5.47 26.78
CA ILE A 372 -28.03 -5.55 25.99
C ILE A 372 -27.76 -4.94 24.60
N MET A 373 -27.01 -3.83 24.56
CA MET A 373 -26.63 -3.13 23.33
C MET A 373 -25.65 -3.93 22.50
N ASN A 374 -24.65 -4.57 23.13
CA ASN A 374 -23.63 -5.36 22.44
C ASN A 374 -24.22 -6.61 21.80
N ARG A 375 -25.18 -7.29 22.47
CA ARG A 375 -25.80 -8.49 21.91
C ARG A 375 -26.78 -8.13 20.77
N LEU A 376 -27.49 -6.99 20.88
CA LEU A 376 -28.44 -6.52 19.86
C LEU A 376 -27.73 -5.99 18.61
N TYR A 377 -26.65 -5.20 18.78
CA TYR A 377 -25.86 -4.64 17.68
C TYR A 377 -25.16 -5.74 16.90
N ARG A 378 -24.68 -6.80 17.58
CA ARG A 378 -23.99 -7.92 16.95
C ARG A 378 -24.94 -8.70 16.02
N TYR A 379 -26.24 -8.84 16.41
CA TYR A 379 -27.26 -9.49 15.58
C TYR A 379 -27.53 -8.66 14.32
N ALA A 380 -27.64 -7.33 14.48
CA ALA A 380 -27.88 -6.37 13.41
C ALA A 380 -26.68 -6.28 12.46
N ALA A 381 -25.44 -6.35 13.02
CA ALA A 381 -24.19 -6.31 12.26
C ALA A 381 -24.01 -7.59 11.44
N GLU A 382 -24.29 -8.77 12.06
CA GLU A 382 -24.21 -10.09 11.41
C GLU A 382 -25.21 -10.18 10.26
N PHE A 383 -26.38 -9.54 10.43
CA PHE A 383 -27.43 -9.50 9.42
C PHE A 383 -27.01 -8.64 8.22
N LEU A 384 -26.56 -7.40 8.47
CA LEU A 384 -26.15 -6.44 7.45
C LEU A 384 -24.94 -6.90 6.65
N THR A 385 -23.93 -7.54 7.30
CA THR A 385 -22.73 -8.02 6.62
C THR A 385 -23.10 -9.21 5.70
N SER A 386 -24.08 -10.03 6.13
CA SER A 386 -24.58 -11.14 5.32
C SER A 386 -25.41 -10.59 4.15
N TRP A 387 -26.22 -9.55 4.42
CA TRP A 387 -27.09 -8.89 3.45
C TRP A 387 -26.26 -8.14 2.39
N GLU A 388 -25.09 -7.55 2.79
CA GLU A 388 -24.16 -6.85 1.90
C GLU A 388 -23.73 -7.75 0.73
N ASN A 389 -23.74 -9.08 0.99
CA ASN A 389 -23.44 -10.19 0.08
C ASN A 389 -21.98 -10.17 -0.38
N HIS A 390 -21.06 -10.51 0.53
CA HIS A 390 -19.62 -10.60 0.26
C HIS A 390 -19.32 -11.95 -0.40
N ARG A 391 -18.42 -11.95 -1.41
CA ARG A 391 -18.08 -13.16 -2.14
C ARG A 391 -17.17 -14.10 -1.34
N LEU A 392 -16.11 -13.57 -0.71
CA LEU A 392 -15.18 -14.40 0.07
C LEU A 392 -15.44 -14.29 1.56
N GLU A 393 -15.18 -15.39 2.30
CA GLU A 393 -15.36 -15.46 3.76
C GLU A 393 -14.49 -14.42 4.48
N SER A 394 -13.25 -14.19 3.99
CA SER A 394 -12.29 -13.21 4.52
C SER A 394 -12.89 -11.80 4.48
N ALA A 395 -13.55 -11.42 3.36
CA ALA A 395 -14.22 -10.13 3.18
C ALA A 395 -15.35 -9.96 4.19
N TYR A 396 -16.23 -11.00 4.32
CA TYR A 396 -17.34 -11.02 5.27
C TYR A 396 -16.83 -10.79 6.69
N GLN A 397 -15.73 -11.48 7.07
CA GLN A 397 -15.12 -11.39 8.39
C GLN A 397 -14.57 -9.99 8.66
N ASN A 398 -13.75 -9.43 7.74
CA ASN A 398 -13.14 -8.10 7.87
C ASN A 398 -14.19 -6.99 8.05
N HIS A 399 -15.31 -7.04 7.29
CA HIS A 399 -16.38 -6.06 7.37
C HIS A 399 -17.17 -6.22 8.66
N LEU A 400 -17.45 -7.47 9.09
CA LEU A 400 -18.18 -7.77 10.33
C LEU A 400 -17.36 -7.34 11.55
N ILE A 401 -16.04 -7.67 11.57
CA ILE A 401 -15.13 -7.30 12.66
C ILE A 401 -15.13 -5.77 12.81
N LEU A 402 -14.94 -5.04 11.70
CA LEU A 402 -14.89 -3.57 11.65
C LEU A 402 -16.16 -2.92 12.24
N LYS A 403 -17.36 -3.47 11.94
CA LYS A 403 -18.64 -2.93 12.44
C LYS A 403 -18.77 -3.10 13.96
N VAL A 404 -18.61 -4.34 14.45
CA VAL A 404 -18.73 -4.71 15.85
C VAL A 404 -17.62 -4.04 16.71
N LEU A 405 -16.40 -3.94 16.15
CA LEU A 405 -15.23 -3.37 16.82
C LEU A 405 -15.40 -1.88 17.16
N VAL A 406 -15.80 -1.03 16.18
CA VAL A 406 -15.96 0.42 16.40
C VAL A 406 -17.02 0.68 17.50
N PHE A 407 -18.03 -0.20 17.60
CA PHE A 407 -19.09 -0.16 18.59
C PHE A 407 -18.55 -0.55 19.96
N ASN A 408 -17.84 -1.70 20.05
CA ASN A 408 -17.26 -2.22 21.29
C ASN A 408 -16.19 -1.27 21.84
N PHE A 409 -15.40 -0.65 20.94
CA PHE A 409 -14.36 0.30 21.31
C PHE A 409 -14.98 1.56 21.92
N LEU A 410 -16.02 2.12 21.26
CA LEU A 410 -16.70 3.33 21.72
C LEU A 410 -17.37 3.13 23.07
N ASN A 411 -18.14 2.04 23.27
CA ASN A 411 -18.83 1.76 24.54
C ASN A 411 -17.85 1.54 25.71
N CYS A 412 -16.62 1.08 25.40
CA CYS A 412 -15.59 0.83 26.39
C CYS A 412 -14.75 2.08 26.69
N PHE A 413 -14.36 2.85 25.66
CA PHE A 413 -13.46 3.99 25.82
C PHE A 413 -14.14 5.38 25.90
N ALA A 414 -15.37 5.55 25.36
CA ALA A 414 -16.07 6.86 25.42
C ALA A 414 -16.21 7.37 26.85
N SER A 415 -16.55 6.49 27.81
CA SER A 415 -16.68 6.85 29.23
C SER A 415 -15.31 7.21 29.80
N LEU A 416 -14.26 6.42 29.42
CA LEU A 416 -12.87 6.59 29.83
C LEU A 416 -12.31 7.94 29.33
N PHE A 417 -12.64 8.32 28.09
CA PHE A 417 -12.25 9.59 27.50
C PHE A 417 -12.99 10.75 28.19
N TYR A 418 -14.29 10.54 28.57
CA TYR A 418 -15.14 11.53 29.22
C TYR A 418 -14.63 11.88 30.61
N ILE A 419 -14.19 10.88 31.38
CA ILE A 419 -13.66 11.05 32.73
C ILE A 419 -12.31 11.79 32.64
N ALA A 420 -11.46 11.38 31.68
CA ALA A 420 -10.11 11.90 31.46
C ALA A 420 -10.06 13.32 30.90
N PHE A 421 -10.87 13.65 29.87
CA PHE A 421 -10.75 14.95 29.21
C PHE A 421 -11.94 15.92 29.43
N VAL A 422 -13.14 15.42 29.79
CA VAL A 422 -14.28 16.30 30.05
C VAL A 422 -14.33 16.57 31.56
N LEU A 423 -14.43 15.49 32.38
CA LEU A 423 -14.47 15.59 33.85
C LEU A 423 -13.09 15.92 34.42
N LYS A 424 -12.00 15.51 33.71
CA LYS A 424 -10.58 15.71 34.06
C LYS A 424 -10.27 15.18 35.50
N ASP A 425 -10.95 14.07 35.86
CA ASP A 425 -10.84 13.39 37.16
C ASP A 425 -9.93 12.16 37.01
N MET A 426 -8.62 12.33 37.26
CA MET A 426 -7.61 11.26 37.14
C MET A 426 -7.77 10.19 38.21
N LYS A 427 -8.35 10.54 39.38
CA LYS A 427 -8.61 9.60 40.48
C LYS A 427 -9.69 8.60 40.05
N LEU A 428 -10.76 9.10 39.39
CA LEU A 428 -11.87 8.30 38.87
C LEU A 428 -11.41 7.47 37.68
N LEU A 429 -10.53 8.03 36.82
CA LEU A 429 -9.99 7.34 35.65
C LEU A 429 -9.14 6.14 36.09
N ARG A 430 -8.28 6.33 37.11
CA ARG A 430 -7.43 5.28 37.68
C ARG A 430 -8.30 4.14 38.22
N GLN A 431 -9.34 4.48 39.01
CA GLN A 431 -10.29 3.52 39.59
C GLN A 431 -11.09 2.80 38.49
N SER A 432 -11.40 3.51 37.37
CA SER A 432 -12.11 2.94 36.22
C SER A 432 -11.25 1.89 35.52
N LEU A 433 -9.96 2.23 35.28
CA LEU A 433 -8.98 1.34 34.64
C LEU A 433 -8.64 0.15 35.54
N ALA A 434 -8.58 0.37 36.88
CA ALA A 434 -8.28 -0.66 37.87
C ALA A 434 -9.36 -1.75 37.86
N THR A 435 -10.64 -1.36 37.71
CA THR A 435 -11.77 -2.30 37.66
C THR A 435 -11.67 -3.11 36.35
N LEU A 436 -11.40 -2.43 35.22
CA LEU A 436 -11.28 -3.02 33.88
C LEU A 436 -10.11 -4.01 33.79
N LEU A 437 -8.95 -3.66 34.39
CA LEU A 437 -7.73 -4.46 34.31
C LEU A 437 -7.63 -5.55 35.40
N ILE A 438 -8.32 -5.42 36.53
CA ILE A 438 -8.23 -6.43 37.59
C ILE A 438 -9.55 -7.23 37.69
N THR A 439 -10.58 -6.69 38.38
CA THR A 439 -11.88 -7.33 38.64
C THR A 439 -12.58 -7.82 37.35
N SER A 440 -12.65 -6.96 36.30
CA SER A 440 -13.32 -7.31 35.04
C SER A 440 -12.62 -8.46 34.32
N GLN A 441 -11.26 -8.51 34.34
CA GLN A 441 -10.47 -9.57 33.70
C GLN A 441 -10.57 -10.90 34.45
N ILE A 442 -10.71 -10.87 35.81
CA ILE A 442 -10.87 -12.07 36.65
C ILE A 442 -12.24 -12.70 36.33
N LEU A 443 -13.31 -11.86 36.32
CA LEU A 443 -14.68 -12.27 36.01
C LEU A 443 -14.79 -12.77 34.58
N ASN A 444 -14.06 -12.13 33.63
CA ASN A 444 -14.04 -12.52 32.22
C ASN A 444 -13.52 -13.95 32.06
N GLN A 445 -12.43 -14.32 32.76
CA GLN A 445 -11.82 -15.66 32.70
C GLN A 445 -12.78 -16.74 33.23
N ILE A 446 -13.57 -16.40 34.26
CA ILE A 446 -14.57 -17.32 34.85
C ILE A 446 -15.68 -17.57 33.82
N MET A 447 -16.22 -16.51 33.21
CA MET A 447 -17.28 -16.60 32.20
C MET A 447 -16.81 -17.22 30.87
N GLU A 448 -15.55 -16.94 30.47
CA GLU A 448 -14.93 -17.36 29.22
C GLU A 448 -14.60 -18.86 29.16
N SER A 449 -13.93 -19.41 30.20
CA SER A 449 -13.54 -20.82 30.14
C SER A 449 -13.75 -21.63 31.41
N PHE A 450 -13.47 -21.07 32.61
CA PHE A 450 -13.57 -21.80 33.88
C PHE A 450 -14.99 -22.30 34.19
N LEU A 451 -16.01 -21.44 34.04
CA LEU A 451 -17.41 -21.85 34.26
C LEU A 451 -17.87 -22.76 33.10
N PRO A 452 -17.69 -22.42 31.79
CA PRO A 452 -18.12 -23.35 30.72
C PRO A 452 -17.42 -24.71 30.77
N TYR A 453 -16.15 -24.79 31.26
CA TYR A 453 -15.42 -26.06 31.39
C TYR A 453 -16.07 -26.92 32.47
N TRP A 454 -16.41 -26.32 33.63
CA TRP A 454 -17.06 -26.99 34.75
C TRP A 454 -18.39 -27.58 34.30
N LEU A 455 -19.17 -26.81 33.52
CA LEU A 455 -20.46 -27.23 33.00
C LEU A 455 -20.32 -28.29 31.90
N GLN A 456 -19.23 -28.23 31.08
CA GLN A 456 -18.99 -29.22 30.02
C GLN A 456 -18.55 -30.57 30.62
N ARG A 457 -17.85 -30.55 31.78
CA ARG A 457 -17.45 -31.77 32.50
C ARG A 457 -18.71 -32.51 32.95
N LYS A 458 -19.73 -31.74 33.40
CA LYS A 458 -21.04 -32.23 33.84
C LYS A 458 -21.80 -32.86 32.68
N HIS A 459 -21.73 -32.22 31.49
CA HIS A 459 -22.37 -32.71 30.26
C HIS A 459 -21.71 -34.00 29.78
N GLY A 460 -20.45 -34.20 30.16
CA GLY A 460 -19.66 -35.40 29.84
C GLY A 460 -20.24 -36.65 30.47
N VAL A 461 -20.82 -36.49 31.68
CA VAL A 461 -21.49 -37.53 32.45
C VAL A 461 -22.86 -37.79 31.82
N ARG A 462 -23.60 -36.70 31.49
CA ARG A 462 -24.93 -36.69 30.89
C ARG A 462 -24.96 -37.51 29.60
N VAL A 463 -23.99 -37.27 28.69
CA VAL A 463 -23.78 -37.95 27.42
C VAL A 463 -23.41 -39.41 27.69
N LYS A 464 -22.50 -39.67 28.66
CA LYS A 464 -22.05 -41.02 29.03
C LYS A 464 -23.25 -41.90 29.46
N ARG A 465 -24.24 -41.31 30.19
CA ARG A 465 -25.46 -41.98 30.63
C ARG A 465 -26.40 -42.30 29.45
N LYS A 466 -26.57 -41.36 28.49
CA LYS A 466 -27.40 -41.53 27.27
C LYS A 466 -26.92 -42.75 26.46
N VAL A 467 -25.59 -42.92 26.36
CA VAL A 467 -24.93 -44.00 25.62
C VAL A 467 -25.10 -45.34 26.37
N GLN A 468 -25.01 -45.32 27.71
CA GLN A 468 -25.19 -46.52 28.55
C GLN A 468 -26.56 -47.15 28.32
N ALA A 469 -27.56 -46.31 28.00
CA ALA A 469 -28.94 -46.71 27.72
C ALA A 469 -29.07 -47.44 26.37
N LEU A 470 -28.12 -47.18 25.43
CA LEU A 470 -28.11 -47.78 24.09
C LEU A 470 -27.77 -49.29 24.13
N LYS A 471 -26.78 -49.69 24.98
CA LYS A 471 -26.27 -51.06 25.19
C LYS A 471 -25.77 -51.70 23.88
N ASP A 475 -20.47 -51.70 19.59
CA ASP A 475 -19.43 -50.78 20.04
C ASP A 475 -19.90 -49.32 19.82
N ALA A 476 -20.31 -48.66 20.92
CA ALA A 476 -20.82 -47.30 20.90
C ALA A 476 -19.74 -46.28 21.36
N THR A 477 -18.48 -46.51 20.95
CA THR A 477 -17.35 -45.64 21.28
C THR A 477 -17.47 -44.35 20.45
N LEU A 478 -17.65 -44.49 19.11
CA LEU A 478 -17.82 -43.39 18.17
C LEU A 478 -19.16 -42.68 18.41
N TYR A 479 -20.20 -43.46 18.80
CA TYR A 479 -21.54 -42.95 19.11
C TYR A 479 -21.44 -41.92 20.25
N GLU A 480 -20.74 -42.30 21.35
CA GLU A 480 -20.52 -41.44 22.52
C GLU A 480 -19.70 -40.19 22.15
N GLN A 481 -18.67 -40.34 21.28
CA GLN A 481 -17.81 -39.26 20.80
C GLN A 481 -18.61 -38.23 19.98
N VAL A 482 -19.56 -38.69 19.15
CA VAL A 482 -20.39 -37.83 18.31
C VAL A 482 -21.45 -37.13 19.18
N ILE A 483 -22.20 -37.87 20.03
CA ILE A 483 -23.23 -37.32 20.94
C ILE A 483 -22.63 -36.22 21.84
N LEU A 484 -21.39 -36.41 22.34
CA LEU A 484 -20.67 -35.47 23.21
C LEU A 484 -20.33 -34.19 22.44
N GLU A 485 -19.60 -34.31 21.31
CA GLU A 485 -19.15 -33.20 20.47
C GLU A 485 -20.30 -32.45 19.79
N LYS A 486 -21.42 -33.14 19.50
CA LYS A 486 -22.62 -32.56 18.89
C LYS A 486 -23.23 -31.52 19.83
N GLU A 487 -23.43 -31.91 21.11
CA GLU A 487 -24.02 -31.04 22.15
C GLU A 487 -23.02 -30.03 22.74
N MET A 488 -21.72 -30.14 22.38
CA MET A 488 -20.68 -29.22 22.82
C MET A 488 -20.91 -27.82 22.26
N GLY A 489 -20.35 -26.81 22.92
CA GLY A 489 -20.45 -25.43 22.48
C GLY A 489 -19.73 -25.19 21.16
N THR A 490 -20.24 -24.26 20.34
CA THR A 490 -19.64 -23.94 19.06
C THR A 490 -18.76 -22.71 19.23
N TYR A 491 -17.49 -22.80 18.76
CA TYR A 491 -16.57 -21.67 18.84
C TYR A 491 -16.99 -20.63 17.82
N LEU A 492 -17.41 -19.45 18.32
CA LEU A 492 -17.94 -18.34 17.52
C LEU A 492 -16.91 -17.70 16.58
N GLY A 493 -15.64 -17.71 16.98
CA GLY A 493 -14.55 -17.12 16.21
C GLY A 493 -13.53 -16.41 17.07
N THR A 494 -12.40 -16.01 16.47
CA THR A 494 -11.30 -15.35 17.18
C THR A 494 -11.60 -13.88 17.58
N PHE A 495 -12.76 -13.29 17.18
CA PHE A 495 -13.10 -11.89 17.48
C PHE A 495 -13.03 -11.55 18.99
N ASP A 496 -13.82 -12.23 19.85
CA ASP A 496 -13.87 -11.97 21.29
C ASP A 496 -12.49 -12.10 21.95
N ASP A 497 -11.65 -13.04 21.44
CA ASP A 497 -10.31 -13.33 21.92
C ASP A 497 -9.34 -12.19 21.59
N TYR A 498 -9.34 -11.72 20.33
CA TYR A 498 -8.49 -10.62 19.85
C TYR A 498 -8.91 -9.29 20.48
N LEU A 499 -10.25 -9.05 20.63
CA LEU A 499 -10.83 -7.84 21.22
C LEU A 499 -10.28 -7.60 22.64
N GLU A 500 -10.12 -8.69 23.43
CA GLU A 500 -9.54 -8.65 24.77
C GLU A 500 -8.15 -7.99 24.75
N LEU A 501 -7.30 -8.42 23.79
CA LEU A 501 -5.94 -7.93 23.59
C LEU A 501 -5.96 -6.52 22.98
N PHE A 502 -6.97 -6.21 22.14
CA PHE A 502 -7.13 -4.88 21.51
C PHE A 502 -7.44 -3.84 22.58
N LEU A 503 -8.39 -4.17 23.49
CA LEU A 503 -8.79 -3.30 24.60
C LEU A 503 -7.64 -3.16 25.58
N GLN A 504 -6.85 -4.25 25.79
CA GLN A 504 -5.65 -4.26 26.62
C GLN A 504 -4.65 -3.25 26.08
N PHE A 505 -4.36 -3.33 24.75
CA PHE A 505 -3.48 -2.41 24.02
C PHE A 505 -4.00 -0.98 24.11
N GLY A 506 -5.33 -0.84 24.21
CA GLY A 506 -6.02 0.44 24.35
C GLY A 506 -5.70 1.12 25.66
N TYR A 507 -5.87 0.41 26.81
CA TYR A 507 -5.59 0.94 28.14
C TYR A 507 -4.10 1.24 28.35
N VAL A 508 -3.21 0.42 27.75
CA VAL A 508 -1.75 0.52 27.88
C VAL A 508 -1.22 1.70 27.05
N SER A 509 -1.49 1.74 25.74
CA SER A 509 -0.98 2.82 24.88
C SER A 509 -1.61 4.20 25.18
N LEU A 510 -2.90 4.23 25.58
CA LEU A 510 -3.61 5.49 25.82
C LEU A 510 -3.34 6.10 27.20
N PHE A 511 -3.61 5.36 28.29
CA PHE A 511 -3.50 5.91 29.64
C PHE A 511 -2.40 5.26 30.52
N SER A 512 -1.19 5.05 29.97
CA SER A 512 -0.09 4.50 30.78
C SER A 512 0.49 5.57 31.70
N CYS A 513 0.37 6.87 31.32
CA CYS A 513 0.84 7.98 32.13
C CYS A 513 -0.06 8.18 33.37
N VAL A 514 -1.35 7.82 33.25
CA VAL A 514 -2.32 7.93 34.35
C VAL A 514 -2.23 6.66 35.22
N TYR A 515 -2.31 5.47 34.60
CA TYR A 515 -2.25 4.16 35.26
C TYR A 515 -0.96 3.45 34.80
N PRO A 516 0.17 3.61 35.52
CA PRO A 516 1.44 3.00 35.08
C PRO A 516 1.49 1.48 35.14
N LEU A 517 0.61 0.84 35.93
CA LEU A 517 0.54 -0.62 36.08
C LEU A 517 -0.35 -1.28 35.02
N ALA A 518 -0.84 -0.50 34.02
CA ALA A 518 -1.70 -0.97 32.94
C ALA A 518 -1.10 -2.17 32.22
N ALA A 519 0.18 -2.08 31.81
CA ALA A 519 0.90 -3.15 31.13
C ALA A 519 1.25 -4.30 32.08
N ALA A 520 1.48 -4.01 33.38
CA ALA A 520 1.80 -5.02 34.40
C ALA A 520 0.63 -5.98 34.58
N PHE A 521 -0.62 -5.47 34.69
CA PHE A 521 -1.81 -6.30 34.86
C PHE A 521 -2.21 -6.97 33.54
N ALA A 522 -1.86 -6.35 32.40
CA ALA A 522 -2.13 -6.90 31.08
C ALA A 522 -1.32 -8.19 30.86
N VAL A 523 -0.01 -8.16 31.23
CA VAL A 523 0.92 -9.31 31.13
C VAL A 523 0.47 -10.42 32.10
N LEU A 524 0.05 -10.05 33.33
CA LEU A 524 -0.40 -11.00 34.35
C LEU A 524 -1.65 -11.76 33.88
N ASN A 525 -2.61 -11.07 33.26
CA ASN A 525 -3.83 -11.70 32.73
C ASN A 525 -3.49 -12.61 31.56
N ASN A 526 -2.60 -12.14 30.66
CA ASN A 526 -2.15 -12.86 29.48
C ASN A 526 -1.34 -14.13 29.84
N PHE A 527 -0.75 -14.16 31.05
CA PHE A 527 0.00 -15.31 31.56
C PHE A 527 -0.93 -16.49 31.83
N THR A 528 -2.20 -16.20 32.18
CA THR A 528 -3.24 -17.19 32.44
C THR A 528 -4.16 -17.32 31.22
N GLU A 529 -4.25 -16.27 30.38
CA GLU A 529 -5.09 -16.22 29.17
C GLU A 529 -4.71 -17.33 28.21
N VAL A 530 -3.41 -17.63 28.09
CA VAL A 530 -2.85 -18.69 27.25
C VAL A 530 -3.37 -20.06 27.76
N ASN A 531 -3.33 -20.29 29.08
CA ASN A 531 -3.79 -21.53 29.71
C ASN A 531 -5.31 -21.67 29.62
N SER A 532 -6.06 -20.59 29.94
CA SER A 532 -7.52 -20.53 29.94
C SER A 532 -8.11 -20.71 28.54
N ASP A 533 -7.59 -19.98 27.52
CA ASP A 533 -8.05 -20.05 26.13
C ASP A 533 -7.75 -21.42 25.51
N ALA A 534 -6.63 -22.06 25.90
CA ALA A 534 -6.23 -23.39 25.45
C ALA A 534 -7.23 -24.43 25.97
N LEU A 535 -7.61 -24.31 27.27
CA LEU A 535 -8.60 -25.16 27.96
C LEU A 535 -9.97 -25.02 27.27
N LYS A 536 -10.30 -23.77 26.88
CA LYS A 536 -11.51 -23.39 26.18
C LYS A 536 -11.55 -24.05 24.78
N MET A 537 -10.38 -24.16 24.11
CA MET A 537 -10.28 -24.78 22.78
C MET A 537 -10.33 -26.31 22.84
N CYS A 538 -9.66 -26.90 23.84
CA CYS A 538 -9.52 -28.34 24.00
C CYS A 538 -10.75 -29.02 24.62
N ARG A 539 -11.11 -28.65 25.86
CA ARG A 539 -12.15 -29.30 26.64
C ARG A 539 -13.50 -28.55 26.78
N VAL A 540 -13.70 -27.41 26.09
CA VAL A 540 -14.98 -26.68 26.19
C VAL A 540 -15.74 -26.79 24.86
N PHE A 541 -15.22 -26.15 23.80
CA PHE A 541 -15.83 -26.12 22.47
C PHE A 541 -15.51 -27.35 21.64
N LYS A 542 -16.38 -27.65 20.66
CA LYS A 542 -16.16 -28.72 19.71
C LYS A 542 -15.17 -28.22 18.66
N ARG A 543 -14.42 -29.13 18.02
CA ARG A 543 -13.37 -28.80 17.03
C ARG A 543 -13.84 -27.77 15.99
N PRO A 544 -13.21 -26.57 15.94
CA PRO A 544 -13.63 -25.58 14.93
C PRO A 544 -12.97 -25.83 13.57
N PHE A 545 -13.70 -25.59 12.46
CA PHE A 545 -13.17 -25.76 11.10
C PHE A 545 -12.00 -24.82 10.86
N SER A 546 -10.87 -25.37 10.36
CA SER A 546 -9.66 -24.59 10.10
C SER A 546 -9.83 -23.64 8.92
N GLU A 547 -9.21 -22.46 9.01
CA GLU A 547 -9.24 -21.46 7.95
C GLU A 547 -7.79 -21.05 7.64
N PRO A 548 -7.30 -21.26 6.39
CA PRO A 548 -5.90 -20.91 6.09
C PRO A 548 -5.67 -19.40 6.02
N SER A 549 -5.42 -18.78 7.18
CA SER A 549 -5.15 -17.35 7.33
C SER A 549 -3.67 -17.07 7.15
N ALA A 550 -3.35 -15.95 6.49
CA ALA A 550 -1.98 -15.52 6.21
C ALA A 550 -1.57 -14.29 7.06
N ASN A 551 -2.50 -13.78 7.91
CA ASN A 551 -2.33 -12.62 8.80
C ASN A 551 -3.48 -12.50 9.83
N ILE A 552 -3.45 -11.44 10.68
CA ILE A 552 -4.48 -11.15 11.69
C ILE A 552 -5.66 -10.37 11.06
N GLY A 553 -5.61 -10.15 9.75
CA GLY A 553 -6.67 -9.47 9.00
C GLY A 553 -6.79 -8.00 9.28
N VAL A 554 -8.05 -7.54 9.47
CA VAL A 554 -8.39 -6.13 9.71
C VAL A 554 -7.92 -5.66 11.11
N TRP A 555 -7.50 -6.60 11.99
CA TRP A 555 -7.00 -6.29 13.32
C TRP A 555 -5.73 -5.45 13.29
N GLN A 556 -4.92 -5.58 12.22
CA GLN A 556 -3.69 -4.81 12.02
C GLN A 556 -4.02 -3.31 11.93
N LEU A 557 -5.07 -2.95 11.16
CA LEU A 557 -5.56 -1.59 10.98
C LEU A 557 -6.11 -1.05 12.30
N ALA A 558 -6.88 -1.90 13.02
CA ALA A 558 -7.50 -1.58 14.31
C ALA A 558 -6.44 -1.22 15.35
N PHE A 559 -5.40 -2.06 15.50
CA PHE A 559 -4.30 -1.87 16.44
C PHE A 559 -3.44 -0.65 16.06
N GLU A 560 -3.25 -0.41 14.75
CA GLU A 560 -2.48 0.74 14.25
C GLU A 560 -3.23 2.05 14.47
N THR A 561 -4.58 2.03 14.39
CA THR A 561 -5.42 3.20 14.63
C THR A 561 -5.36 3.56 16.13
N MET A 562 -5.31 2.53 17.01
CA MET A 562 -5.19 2.67 18.45
C MET A 562 -3.85 3.35 18.80
N SER A 563 -2.76 3.00 18.08
CA SER A 563 -1.44 3.58 18.28
C SER A 563 -1.39 5.04 17.75
N VAL A 564 -2.30 5.39 16.82
CA VAL A 564 -2.39 6.74 16.27
C VAL A 564 -3.15 7.62 17.28
N ILE A 565 -4.24 7.08 17.88
CA ILE A 565 -5.06 7.73 18.91
C ILE A 565 -4.19 7.99 20.16
N SER A 566 -3.27 7.06 20.49
CA SER A 566 -2.38 7.17 21.66
C SER A 566 -1.46 8.41 21.62
N VAL A 567 -1.18 8.98 20.42
CA VAL A 567 -0.37 10.20 20.25
C VAL A 567 -1.18 11.39 20.78
N VAL A 568 -2.46 11.45 20.39
CA VAL A 568 -3.42 12.49 20.79
C VAL A 568 -3.62 12.44 22.31
N THR A 569 -3.86 11.23 22.86
CA THR A 569 -4.12 10.95 24.27
C THR A 569 -2.93 11.38 25.15
N ASN A 570 -1.72 10.84 24.89
CA ASN A 570 -0.51 11.13 25.66
C ASN A 570 -0.12 12.61 25.62
N CYS A 571 -0.30 13.28 24.47
CA CYS A 571 0.02 14.71 24.32
C CYS A 571 -0.96 15.57 25.12
N ALA A 572 -2.25 15.17 25.13
CA ALA A 572 -3.30 15.87 25.86
C ALA A 572 -3.11 15.76 27.37
N LEU A 573 -2.90 14.52 27.89
CA LEU A 573 -2.70 14.24 29.31
C LEU A 573 -1.48 14.96 29.88
N ILE A 574 -0.39 15.09 29.09
CA ILE A 574 0.83 15.79 29.53
C ILE A 574 0.53 17.31 29.53
N GLY A 575 -0.09 17.80 28.45
CA GLY A 575 -0.47 19.21 28.32
C GLY A 575 -1.44 19.68 29.39
N MET A 576 -2.25 18.75 29.90
CA MET A 576 -3.24 18.96 30.95
C MET A 576 -2.63 19.03 32.34
N SER A 577 -1.48 18.34 32.56
CA SER A 577 -0.82 18.25 33.86
C SER A 577 -0.50 19.64 34.45
N PRO A 578 -0.70 19.83 35.79
CA PRO A 578 -0.45 21.16 36.39
C PRO A 578 1.01 21.61 36.33
N GLN A 579 1.97 20.69 36.11
CA GLN A 579 3.39 21.01 36.00
C GLN A 579 3.64 21.83 34.73
N VAL A 580 2.98 21.45 33.62
CA VAL A 580 3.07 22.11 32.32
C VAL A 580 2.28 23.43 32.37
N ASN A 581 1.09 23.40 33.00
CA ASN A 581 0.22 24.56 33.15
C ASN A 581 0.81 25.63 34.08
N ALA A 582 1.84 25.26 34.89
CA ALA A 582 2.54 26.18 35.78
C ALA A 582 3.43 27.13 34.97
N VAL A 583 3.94 26.64 33.82
CA VAL A 583 4.81 27.36 32.89
C VAL A 583 3.95 28.36 32.06
N PHE A 584 2.68 28.00 31.81
CA PHE A 584 1.73 28.81 31.05
C PHE A 584 0.56 29.23 31.96
N PRO A 585 0.72 30.28 32.80
CA PRO A 585 -0.38 30.66 33.72
C PRO A 585 -1.53 31.39 33.02
N GLU A 586 -1.22 32.34 32.13
CA GLU A 586 -2.23 33.13 31.39
C GLU A 586 -2.35 32.67 29.93
N SER A 587 -1.21 32.53 29.22
CA SER A 587 -1.17 32.11 27.82
C SER A 587 -1.47 30.61 27.68
N LYS A 588 -2.76 30.24 27.74
CA LYS A 588 -3.19 28.84 27.59
C LYS A 588 -3.27 28.48 26.11
N ALA A 589 -3.46 29.50 25.26
CA ALA A 589 -3.53 29.37 23.80
C ALA A 589 -2.17 28.92 23.25
N ASP A 590 -1.07 29.51 23.77
CA ASP A 590 0.31 29.21 23.40
C ASP A 590 0.65 27.77 23.74
N LEU A 591 0.33 27.33 24.97
CA LEU A 591 0.54 25.97 25.47
C LEU A 591 -0.09 24.93 24.52
N ILE A 592 -1.37 25.12 24.13
CA ILE A 592 -2.09 24.22 23.23
C ILE A 592 -1.37 24.18 21.87
N LEU A 593 -0.98 25.35 21.33
CA LEU A 593 -0.24 25.43 20.07
C LEU A 593 1.08 24.65 20.12
N ILE A 594 1.79 24.67 21.27
CA ILE A 594 3.04 23.90 21.49
C ILE A 594 2.71 22.39 21.47
N VAL A 595 1.70 21.98 22.26
CA VAL A 595 1.23 20.59 22.40
C VAL A 595 0.84 20.03 21.01
N VAL A 596 0.00 20.77 20.26
CA VAL A 596 -0.50 20.40 18.94
C VAL A 596 0.68 20.28 17.95
N ALA A 597 1.67 21.20 18.04
CA ALA A 597 2.87 21.16 17.18
C ALA A 597 3.67 19.89 17.44
N VAL A 598 3.88 19.55 18.73
CA VAL A 598 4.60 18.35 19.18
C VAL A 598 3.86 17.10 18.69
N GLU A 599 2.52 17.09 18.84
CA GLU A 599 1.63 16.01 18.41
C GLU A 599 1.74 15.76 16.89
N HIS A 600 1.79 16.84 16.09
CA HIS A 600 1.91 16.78 14.64
C HIS A 600 3.27 16.25 14.21
N ALA A 601 4.34 16.67 14.91
CA ALA A 601 5.71 16.23 14.66
C ALA A 601 5.87 14.74 14.97
N LEU A 602 5.25 14.28 16.09
CA LEU A 602 5.28 12.87 16.52
C LEU A 602 4.50 11.99 15.55
N LEU A 603 3.32 12.46 15.07
CA LEU A 603 2.49 11.72 14.11
C LEU A 603 3.21 11.53 12.77
N ALA A 604 4.02 12.52 12.37
CA ALA A 604 4.83 12.47 11.15
C ALA A 604 5.97 11.46 11.32
N LEU A 605 6.66 11.50 12.48
CA LEU A 605 7.75 10.59 12.83
C LEU A 605 7.26 9.16 12.98
N LYS A 606 6.03 8.98 13.50
CA LYS A 606 5.38 7.68 13.68
C LYS A 606 5.10 7.04 12.31
N PHE A 607 4.67 7.85 11.32
CA PHE A 607 4.39 7.43 9.95
C PHE A 607 5.70 7.02 9.27
N ILE A 608 6.75 7.86 9.39
CA ILE A 608 8.08 7.65 8.79
C ILE A 608 8.69 6.34 9.32
N LEU A 609 8.64 6.10 10.65
CA LEU A 609 9.16 4.90 11.31
C LEU A 609 8.46 3.64 10.80
N ALA A 610 7.12 3.69 10.61
CA ALA A 610 6.31 2.58 10.09
C ALA A 610 6.63 2.33 8.62
N PHE A 611 6.91 3.40 7.86
CA PHE A 611 7.26 3.34 6.44
C PHE A 611 8.68 2.77 6.26
N ALA A 612 9.61 3.16 7.15
CA ALA A 612 11.01 2.73 7.12
C ALA A 612 11.15 1.26 7.46
N ILE A 613 10.34 0.73 8.40
CA ILE A 613 10.40 -0.69 8.78
C ILE A 613 9.64 -1.50 7.71
N PRO A 614 10.33 -2.41 6.97
CA PRO A 614 9.62 -3.22 5.95
C PRO A 614 8.73 -4.29 6.60
N ASP A 615 7.49 -4.41 6.11
CA ASP A 615 6.47 -5.33 6.62
C ASP A 615 6.85 -6.82 6.47
N LYS A 616 7.85 -7.13 5.62
CA LYS A 616 8.35 -8.49 5.38
C LYS A 616 9.88 -8.54 5.49
N PRO A 617 10.49 -9.61 6.06
CA PRO A 617 11.96 -9.66 6.14
C PRO A 617 12.59 -9.89 4.76
N ARG A 618 13.87 -9.48 4.59
CA ARG A 618 14.62 -9.59 3.33
C ARG A 618 14.56 -10.99 2.72
N HIS A 619 14.86 -12.06 3.51
CA HIS A 619 14.88 -13.43 3.01
C HIS A 619 13.51 -13.89 2.48
N ILE A 620 12.40 -13.45 3.12
CA ILE A 620 11.03 -13.78 2.70
C ILE A 620 10.71 -13.03 1.41
N GLN A 621 11.13 -11.75 1.31
CA GLN A 621 10.94 -10.90 0.15
C GLN A 621 11.63 -11.50 -1.09
N MET A 622 12.85 -12.05 -0.91
CA MET A 622 13.63 -12.69 -1.98
C MET A 622 12.99 -14.01 -2.42
N LYS A 623 12.51 -14.82 -1.44
CA LYS A 623 11.85 -16.10 -1.67
C LYS A 623 10.54 -15.91 -2.42
N LEU A 624 9.81 -14.82 -2.11
CA LEU A 624 8.56 -14.43 -2.75
C LEU A 624 8.82 -13.86 -4.15
N ALA A 625 9.99 -13.21 -4.34
CA ALA A 625 10.41 -12.61 -5.61
C ALA A 625 10.81 -13.66 -6.63
N ARG A 626 11.64 -14.65 -6.25
CA ARG A 626 12.10 -15.71 -7.17
C ARG A 626 10.93 -16.58 -7.64
N LEU A 627 9.89 -16.74 -6.78
CA LEU A 627 8.70 -17.50 -7.13
C LEU A 627 7.80 -16.66 -8.06
N GLU A 628 7.82 -15.31 -7.90
CA GLU A 628 7.07 -14.39 -8.75
C GLU A 628 7.67 -14.40 -10.16
N PHE A 629 9.03 -14.43 -10.23
CA PHE A 629 9.81 -14.48 -11.47
C PHE A 629 9.57 -15.80 -12.20
N GLU A 630 9.52 -16.92 -11.45
CA GLU A 630 9.29 -18.27 -11.98
C GLU A 630 7.93 -18.38 -12.68
N SER A 631 6.88 -17.75 -12.09
CA SER A 631 5.52 -17.72 -12.62
C SER A 631 5.45 -17.02 -13.98
N LEU A 632 6.24 -15.93 -14.14
CA LEU A 632 6.31 -15.16 -15.38
C LEU A 632 7.05 -15.93 -16.47
N GLU A 633 8.14 -16.62 -16.09
CA GLU A 633 8.94 -17.46 -16.99
C GLU A 633 8.13 -18.68 -17.44
N ALA A 634 7.23 -19.17 -16.56
CA ALA A 634 6.31 -20.27 -16.82
C ALA A 634 5.25 -19.86 -17.84
N LEU A 635 4.71 -18.63 -17.71
CA LEU A 635 3.70 -18.06 -18.61
C LEU A 635 4.26 -17.84 -20.02
N LYS A 636 5.56 -17.48 -20.12
CA LYS A 636 6.24 -17.27 -21.40
C LYS A 636 6.44 -18.61 -22.12
N GLN A 637 6.76 -19.67 -21.36
CA GLN A 637 6.97 -21.04 -21.87
C GLN A 637 5.64 -21.66 -22.33
N GLN A 638 4.55 -21.45 -21.55
CA GLN A 638 3.21 -21.97 -21.82
C GLN A 638 2.55 -21.32 -23.04
N GLN A 639 2.72 -19.98 -23.22
CA GLN A 639 2.14 -19.25 -24.35
C GLN A 639 2.93 -19.54 -25.63
N SER B 14 25.02 0.15 -44.14
CA SER B 14 24.48 -1.19 -44.40
C SER B 14 23.11 -1.40 -43.74
N PHE B 15 22.78 -0.59 -42.71
CA PHE B 15 21.55 -0.65 -41.91
C PHE B 15 20.90 0.75 -41.79
N THR B 16 19.99 0.91 -40.79
CA THR B 16 19.29 2.16 -40.48
C THR B 16 19.90 2.71 -39.17
N PRO B 17 20.54 3.90 -39.18
CA PRO B 17 21.13 4.40 -37.93
C PRO B 17 20.04 4.83 -36.95
N LEU B 18 20.22 4.47 -35.66
CA LEU B 18 19.24 4.78 -34.61
C LEU B 18 19.87 5.54 -33.44
N VAL B 19 21.03 5.08 -32.95
CA VAL B 19 21.74 5.67 -31.81
C VAL B 19 23.12 6.16 -32.29
N VAL B 20 23.60 7.28 -31.71
CA VAL B 20 24.89 7.89 -32.03
C VAL B 20 25.80 7.83 -30.79
N ILE B 21 27.07 7.44 -30.99
CA ILE B 21 28.10 7.38 -29.95
C ILE B 21 29.19 8.39 -30.33
N GLU B 22 29.40 9.41 -29.49
CA GLU B 22 30.44 10.40 -29.76
C GLU B 22 31.63 10.16 -28.84
N LEU B 23 32.83 9.97 -29.44
CA LEU B 23 34.08 9.72 -28.74
C LEU B 23 34.92 11.00 -28.67
N ALA B 24 35.78 11.14 -27.63
CA ALA B 24 36.64 12.31 -27.41
C ALA B 24 37.54 12.60 -28.63
N GLN B 25 37.93 13.88 -28.81
CA GLN B 25 38.70 14.42 -29.94
C GLN B 25 39.81 13.49 -30.51
N ASP B 26 40.69 12.93 -29.66
CA ASP B 26 41.78 12.07 -30.17
C ASP B 26 41.85 10.72 -29.44
N VAL B 27 40.78 9.91 -29.53
CA VAL B 27 40.72 8.57 -28.91
C VAL B 27 41.56 7.62 -29.77
N LYS B 28 42.40 6.79 -29.10
CA LYS B 28 43.28 5.79 -29.73
C LYS B 28 42.48 4.77 -30.53
N GLU B 29 43.05 4.29 -31.65
CA GLU B 29 42.43 3.30 -32.55
C GLU B 29 42.21 1.98 -31.80
N GLU B 30 43.14 1.64 -30.88
CA GLU B 30 43.13 0.47 -29.99
C GLU B 30 41.83 0.44 -29.16
N THR B 31 41.40 1.62 -28.66
CA THR B 31 40.18 1.81 -27.87
C THR B 31 38.95 1.67 -28.77
N LYS B 32 38.98 2.36 -29.94
CA LYS B 32 37.92 2.40 -30.95
C LYS B 32 37.54 1.00 -31.45
N GLU B 33 38.54 0.18 -31.84
CA GLU B 33 38.33 -1.18 -32.34
C GLU B 33 37.81 -2.11 -31.25
N TRP B 34 38.26 -1.88 -29.99
CA TRP B 34 37.84 -2.67 -28.83
C TRP B 34 36.36 -2.41 -28.53
N LEU B 35 35.95 -1.12 -28.58
CA LEU B 35 34.57 -0.68 -28.35
C LEU B 35 33.66 -1.24 -29.46
N LYS B 36 34.14 -1.21 -30.72
CA LYS B 36 33.46 -1.73 -31.91
C LYS B 36 33.20 -3.22 -31.78
N ASN B 37 34.20 -3.98 -31.28
CA ASN B 37 34.13 -5.43 -31.09
C ASN B 37 33.06 -5.83 -30.08
N ARG B 38 33.01 -5.16 -28.91
CA ARG B 38 32.02 -5.46 -27.87
C ARG B 38 30.58 -5.19 -28.37
N ILE B 39 30.38 -4.11 -29.17
CA ILE B 39 29.09 -3.71 -29.72
C ILE B 39 28.67 -4.64 -30.89
N ILE B 40 29.62 -5.32 -31.56
CA ILE B 40 29.27 -6.19 -32.69
C ILE B 40 29.21 -7.68 -32.27
N ALA B 41 30.24 -8.19 -31.56
CA ALA B 41 30.34 -9.60 -31.12
C ALA B 41 29.04 -10.15 -30.52
N LYS B 42 28.72 -11.42 -30.83
CA LYS B 42 27.52 -12.12 -30.39
C LYS B 42 27.45 -12.22 -28.85
N LYS B 43 26.22 -12.21 -28.30
CA LYS B 43 25.96 -12.27 -26.86
C LYS B 43 26.56 -13.51 -26.19
N LYS B 44 26.72 -14.62 -26.96
CA LYS B 44 27.33 -15.87 -26.50
C LYS B 44 28.78 -15.63 -26.04
N ASP B 45 29.53 -14.79 -26.77
CA ASP B 45 30.92 -14.44 -26.50
C ASP B 45 31.04 -13.21 -25.57
N GLY B 46 29.90 -12.67 -25.15
CA GLY B 46 29.85 -11.49 -24.30
C GLY B 46 29.91 -10.22 -25.12
N GLY B 47 28.86 -9.40 -24.99
CA GLY B 47 28.72 -8.16 -25.73
C GLY B 47 27.50 -8.18 -26.63
N ALA B 48 26.84 -7.02 -26.79
CA ALA B 48 25.63 -6.81 -27.59
C ALA B 48 25.87 -7.20 -29.04
N GLN B 49 24.87 -7.86 -29.66
CA GLN B 49 24.93 -8.34 -31.05
C GLN B 49 24.36 -7.26 -32.00
N LEU B 50 24.82 -6.01 -31.81
CA LEU B 50 24.39 -4.84 -32.58
C LEU B 50 25.31 -4.62 -33.80
N LEU B 51 25.02 -3.57 -34.60
CA LEU B 51 25.79 -3.19 -35.80
C LEU B 51 26.42 -1.82 -35.58
N PHE B 52 27.74 -1.71 -35.80
CA PHE B 52 28.53 -0.50 -35.58
C PHE B 52 29.17 -0.05 -36.88
N ARG B 53 29.08 1.26 -37.16
CA ARG B 53 29.60 1.88 -38.38
C ARG B 53 29.89 3.38 -38.14
N PRO B 54 30.99 3.95 -38.70
CA PRO B 54 31.25 5.40 -38.51
C PRO B 54 30.26 6.26 -39.29
N LEU B 55 30.04 7.53 -38.85
CA LEU B 55 29.13 8.49 -39.49
C LEU B 55 29.46 8.62 -41.00
N LEU B 56 30.75 8.64 -41.36
CA LEU B 56 31.21 8.70 -42.74
C LEU B 56 32.03 7.46 -43.06
N ASN B 57 31.80 6.83 -44.22
CA ASN B 57 32.58 5.66 -44.61
C ASN B 57 33.96 6.12 -45.09
N LYS B 58 34.90 5.18 -45.30
CA LYS B 58 36.28 5.48 -45.71
C LYS B 58 36.38 6.36 -46.97
N TYR B 59 35.42 6.22 -47.92
CA TYR B 59 35.38 7.05 -49.13
C TYR B 59 34.86 8.46 -48.78
N GLU B 60 33.79 8.52 -47.96
CA GLU B 60 33.16 9.77 -47.50
C GLU B 60 34.07 10.57 -46.58
N GLN B 61 35.02 9.88 -45.91
CA GLN B 61 35.95 10.48 -44.95
C GLN B 61 37.02 11.34 -45.65
N GLU B 62 37.14 11.23 -47.00
CA GLU B 62 38.06 12.01 -47.84
C GLU B 62 37.50 13.41 -48.09
N THR B 63 36.16 13.56 -48.01
CA THR B 63 35.43 14.83 -48.22
C THR B 63 35.21 15.56 -46.90
N LEU B 64 34.83 14.83 -45.82
CA LEU B 64 34.57 15.41 -44.49
C LEU B 64 35.11 14.51 -43.38
N GLU B 65 35.59 15.14 -42.28
CA GLU B 65 36.11 14.43 -41.10
C GLU B 65 35.00 13.71 -40.33
N ASN B 66 35.31 12.54 -39.76
CA ASN B 66 34.38 11.71 -39.01
C ASN B 66 34.02 12.29 -37.62
N GLN B 67 34.89 13.15 -37.03
CA GLN B 67 34.72 13.79 -35.71
C GLN B 67 34.45 12.75 -34.58
N ASN B 68 34.95 11.49 -34.80
CA ASN B 68 34.82 10.31 -33.93
C ASN B 68 33.33 10.02 -33.61
N LEU B 69 32.48 10.16 -34.64
CA LEU B 69 31.04 9.93 -34.54
C LEU B 69 30.70 8.57 -35.13
N TYR B 70 29.99 7.73 -34.37
CA TYR B 70 29.65 6.37 -34.77
C TYR B 70 28.16 6.06 -34.59
N LEU B 71 27.57 5.46 -35.63
CA LEU B 71 26.15 5.08 -35.68
C LEU B 71 25.96 3.63 -35.29
N VAL B 72 24.94 3.36 -34.46
CA VAL B 72 24.60 2.03 -33.98
C VAL B 72 23.17 1.67 -34.40
N GLY B 73 23.01 0.44 -34.86
CA GLY B 73 21.74 -0.17 -35.28
C GLY B 73 21.73 -1.65 -34.95
N ALA B 74 20.76 -2.39 -35.53
CA ALA B 74 20.63 -3.83 -35.33
C ALA B 74 19.75 -4.47 -36.40
N SER B 75 19.77 -5.82 -36.46
CA SER B 75 18.94 -6.61 -37.38
C SER B 75 17.49 -6.59 -36.90
N LYS B 76 16.52 -6.84 -37.82
CA LYS B 76 15.09 -6.89 -37.49
C LYS B 76 14.83 -8.01 -36.47
N ILE B 77 15.48 -9.18 -36.66
CA ILE B 77 15.39 -10.36 -35.80
C ILE B 77 16.07 -10.05 -34.45
N ARG B 78 17.24 -9.38 -34.47
CA ARG B 78 18.00 -8.98 -33.28
C ARG B 78 17.17 -8.02 -32.40
N MET B 79 16.46 -7.07 -33.04
CA MET B 79 15.61 -6.09 -32.37
C MET B 79 14.45 -6.78 -31.64
N LEU B 80 13.84 -7.80 -32.26
CA LEU B 80 12.73 -8.56 -31.70
C LEU B 80 13.22 -9.37 -30.50
N LEU B 81 14.45 -9.93 -30.57
CA LEU B 81 15.05 -10.69 -29.48
C LEU B 81 15.43 -9.77 -28.32
N GLY B 82 15.77 -8.52 -28.65
CA GLY B 82 16.08 -7.47 -27.69
C GLY B 82 14.83 -6.96 -27.00
N ALA B 83 13.68 -6.97 -27.72
CA ALA B 83 12.36 -6.57 -27.23
C ALA B 83 11.84 -7.56 -26.19
N GLU B 84 12.17 -8.85 -26.36
CA GLU B 84 11.84 -9.95 -25.47
C GLU B 84 12.66 -9.81 -24.18
N ALA B 85 13.96 -9.45 -24.33
CA ALA B 85 14.95 -9.25 -23.26
C ALA B 85 14.53 -8.17 -22.27
N VAL B 86 14.04 -7.02 -22.77
CA VAL B 86 13.56 -5.90 -21.95
C VAL B 86 12.14 -6.19 -21.40
N GLY B 87 11.44 -7.12 -22.04
CA GLY B 87 10.10 -7.55 -21.67
C GLY B 87 9.01 -6.57 -22.05
N LEU B 88 8.97 -6.17 -23.34
CA LEU B 88 7.96 -5.24 -23.86
C LEU B 88 6.62 -5.94 -23.97
N VAL B 89 5.59 -5.36 -23.36
CA VAL B 89 4.24 -5.91 -23.35
C VAL B 89 3.44 -5.29 -24.51
N LYS B 90 2.96 -6.16 -25.42
CA LYS B 90 2.18 -5.78 -26.60
C LYS B 90 0.84 -6.51 -26.61
N GLU B 91 -0.17 -5.95 -27.30
CA GLU B 91 -1.50 -6.55 -27.41
C GLU B 91 -1.49 -7.74 -28.36
N CYS B 92 -2.11 -8.84 -27.94
CA CYS B 92 -2.22 -10.07 -28.74
C CYS B 92 -3.52 -10.03 -29.57
N ASN B 93 -3.73 -11.07 -30.41
CA ASN B 93 -4.91 -11.19 -31.26
C ASN B 93 -6.19 -11.46 -30.45
N ASP B 94 -6.04 -11.98 -29.21
CA ASP B 94 -7.16 -12.26 -28.30
C ASP B 94 -7.41 -11.05 -27.36
N ASN B 95 -6.88 -9.87 -27.74
CA ASN B 95 -6.99 -8.56 -27.08
C ASN B 95 -6.34 -8.52 -25.66
N THR B 96 -5.55 -9.55 -25.30
CA THR B 96 -4.83 -9.61 -24.02
C THR B 96 -3.44 -9.04 -24.19
N MET B 97 -2.95 -8.34 -23.15
CA MET B 97 -1.62 -7.72 -23.15
C MET B 97 -0.60 -8.69 -22.55
N ARG B 98 0.33 -9.17 -23.37
CA ARG B 98 1.35 -10.13 -22.92
C ARG B 98 2.75 -9.66 -23.30
N ALA B 99 3.78 -10.11 -22.55
CA ALA B 99 5.18 -9.78 -22.83
C ALA B 99 5.64 -10.49 -24.11
N PHE B 100 6.36 -9.75 -24.98
CA PHE B 100 6.82 -10.25 -26.27
C PHE B 100 7.85 -11.36 -26.12
N THR B 101 7.73 -12.37 -27.00
CA THR B 101 8.58 -13.54 -27.14
C THR B 101 8.69 -13.81 -28.65
N TYR B 102 9.93 -14.05 -29.16
CA TYR B 102 10.16 -14.31 -30.58
C TYR B 102 9.48 -15.60 -31.04
N ARG B 103 9.36 -16.61 -30.15
CA ARG B 103 8.70 -17.88 -30.47
C ARG B 103 7.18 -17.69 -30.64
N THR B 104 6.60 -16.69 -29.94
CA THR B 104 5.16 -16.38 -29.92
C THR B 104 4.85 -15.06 -30.67
N ARG B 105 5.76 -14.62 -31.57
CA ARG B 105 5.65 -13.36 -32.33
C ARG B 105 4.39 -13.27 -33.20
N GLN B 106 3.91 -14.41 -33.75
CA GLN B 106 2.75 -14.49 -34.64
C GLN B 106 1.43 -14.16 -33.93
N ASN B 107 1.36 -14.38 -32.60
CA ASN B 107 0.16 -14.15 -31.78
C ASN B 107 -0.07 -12.66 -31.44
N PHE B 108 0.93 -11.79 -31.65
CA PHE B 108 0.81 -10.36 -31.33
C PHE B 108 0.15 -9.59 -32.47
N LYS B 109 -0.84 -8.74 -32.12
CA LYS B 109 -1.61 -7.91 -33.05
C LYS B 109 -0.72 -6.88 -33.73
N GLY B 110 -0.82 -6.82 -35.05
CA GLY B 110 -0.05 -5.89 -35.87
C GLY B 110 1.30 -6.42 -36.31
N PHE B 111 1.62 -7.69 -36.00
CA PHE B 111 2.89 -8.30 -36.38
C PHE B 111 2.79 -8.98 -37.73
N ASP B 112 3.84 -8.83 -38.56
CA ASP B 112 3.98 -9.42 -39.90
C ASP B 112 5.46 -9.54 -40.24
N ASP B 113 5.87 -10.70 -40.81
CA ASP B 113 7.26 -10.94 -41.19
C ASP B 113 7.67 -10.07 -42.39
N ASN B 114 6.68 -9.68 -43.22
CA ASN B 114 6.85 -8.80 -44.39
C ASN B 114 7.05 -7.34 -43.93
N ASN B 115 6.62 -7.03 -42.69
CA ASN B 115 6.72 -5.71 -42.07
C ASN B 115 7.99 -5.56 -41.21
N ASP B 116 8.24 -4.33 -40.73
CA ASP B 116 9.34 -3.93 -39.86
C ASP B 116 8.85 -2.84 -38.90
N ASP B 117 7.57 -2.41 -39.08
CA ASP B 117 6.90 -1.34 -38.33
C ASP B 117 6.17 -1.85 -37.05
N PHE B 118 6.58 -3.01 -36.51
CA PHE B 118 6.00 -3.58 -35.28
C PHE B 118 6.50 -2.79 -34.07
N LEU B 119 7.83 -2.67 -33.92
CA LEU B 119 8.46 -1.92 -32.85
C LEU B 119 8.69 -0.49 -33.33
N THR B 120 8.38 0.51 -32.48
CA THR B 120 8.58 1.92 -32.84
C THR B 120 10.07 2.25 -32.77
N MET B 121 10.48 3.41 -33.34
CA MET B 121 11.87 3.86 -33.32
C MET B 121 12.31 4.12 -31.88
N ALA B 122 11.42 4.68 -31.05
CA ALA B 122 11.63 4.97 -29.63
C ALA B 122 11.92 3.69 -28.85
N GLU B 123 11.16 2.61 -29.14
CA GLU B 123 11.33 1.28 -28.53
C GLU B 123 12.68 0.69 -28.94
N CYS B 124 13.00 0.77 -30.26
CA CYS B 124 14.23 0.28 -30.86
C CYS B 124 15.46 0.92 -30.21
N GLN B 125 15.44 2.25 -30.07
CA GLN B 125 16.53 3.04 -29.48
C GLN B 125 16.69 2.73 -27.99
N PHE B 126 15.58 2.40 -27.28
CA PHE B 126 15.61 2.03 -25.85
C PHE B 126 16.31 0.68 -25.67
N ILE B 127 16.02 -0.29 -26.55
CA ILE B 127 16.59 -1.63 -26.55
C ILE B 127 18.11 -1.55 -26.80
N ILE B 128 18.54 -0.72 -27.77
CA ILE B 128 19.96 -0.51 -28.09
C ILE B 128 20.67 0.10 -26.86
N LYS B 129 20.05 1.13 -26.23
CA LYS B 129 20.56 1.76 -25.01
C LYS B 129 20.73 0.72 -23.89
N HIS B 130 19.71 -0.13 -23.70
CA HIS B 130 19.69 -1.20 -22.69
C HIS B 130 20.85 -2.19 -22.91
N GLU B 131 21.12 -2.56 -24.17
CA GLU B 131 22.20 -3.51 -24.51
C GLU B 131 23.58 -2.89 -24.30
N LEU B 132 23.75 -1.59 -24.62
CA LEU B 132 24.99 -0.84 -24.45
C LEU B 132 25.29 -0.62 -22.96
N GLU B 133 24.24 -0.44 -22.13
CA GLU B 133 24.31 -0.23 -20.69
C GLU B 133 24.70 -1.52 -19.96
N ASN B 134 24.33 -2.68 -20.53
CA ASN B 134 24.62 -3.98 -19.95
C ASN B 134 25.89 -4.62 -20.52
N LEU B 135 26.73 -3.81 -21.19
CA LEU B 135 28.03 -4.20 -21.73
C LEU B 135 29.00 -4.19 -20.56
N ARG B 136 29.41 -5.37 -20.08
CA ARG B 136 30.27 -5.47 -18.89
C ARG B 136 31.64 -6.05 -19.21
N ALA B 137 32.68 -5.55 -18.50
CA ALA B 137 34.06 -5.98 -18.62
C ALA B 137 34.23 -7.45 -18.22
N LYS B 138 35.00 -8.20 -19.01
CA LYS B 138 35.25 -9.62 -18.74
C LYS B 138 36.61 -9.79 -18.03
N ASP B 139 37.70 -9.94 -18.81
CA ASP B 139 39.05 -10.14 -18.29
C ASP B 139 39.89 -8.85 -18.35
N GLU B 140 39.38 -7.79 -19.02
CA GLU B 140 40.07 -6.50 -19.16
C GLU B 140 40.22 -5.80 -17.80
N LYS B 141 41.47 -5.44 -17.46
CA LYS B 141 41.86 -4.80 -16.21
C LYS B 141 41.87 -3.26 -16.33
N MET B 142 41.62 -2.75 -17.56
CA MET B 142 41.55 -1.31 -17.90
C MET B 142 40.92 -1.14 -19.30
N ILE B 143 40.56 0.11 -19.67
CA ILE B 143 40.06 0.40 -21.02
C ILE B 143 41.30 0.40 -21.93
N PRO B 144 41.39 -0.50 -22.95
CA PRO B 144 42.60 -0.56 -23.80
C PRO B 144 43.06 0.80 -24.32
N GLY B 145 44.33 1.12 -24.06
CA GLY B 145 44.96 2.38 -24.45
C GLY B 145 44.94 3.45 -23.36
N TYR B 146 44.06 3.29 -22.35
CA TYR B 146 43.93 4.24 -21.25
C TYR B 146 44.07 3.51 -19.90
N PRO B 147 45.32 3.38 -19.39
CA PRO B 147 45.55 2.62 -18.15
C PRO B 147 44.89 3.23 -16.91
N GLN B 148 44.68 4.56 -16.89
CA GLN B 148 44.05 5.28 -15.78
C GLN B 148 42.58 4.85 -15.62
N ALA B 149 41.88 4.59 -16.74
CA ALA B 149 40.49 4.14 -16.76
C ALA B 149 40.44 2.62 -16.52
N LYS B 150 40.69 2.21 -15.26
CA LYS B 150 40.75 0.81 -14.86
C LYS B 150 39.38 0.12 -14.89
N LEU B 151 39.37 -1.19 -15.17
CA LEU B 151 38.18 -2.03 -15.23
C LEU B 151 38.33 -3.29 -14.37
N TYR B 152 37.20 -3.86 -13.94
CA TYR B 152 37.13 -5.09 -13.15
C TYR B 152 35.98 -5.97 -13.68
N PRO B 153 35.99 -7.31 -13.47
CA PRO B 153 34.89 -8.14 -13.99
C PRO B 153 33.52 -7.73 -13.44
N GLY B 154 32.61 -7.42 -14.35
CA GLY B 154 31.25 -7.00 -14.04
C GLY B 154 30.97 -5.53 -14.23
N LYS B 155 32.03 -4.69 -14.30
CA LYS B 155 31.90 -3.24 -14.45
C LYS B 155 31.33 -2.86 -15.82
N SER B 156 30.30 -1.98 -15.82
CA SER B 156 29.64 -1.44 -17.00
C SER B 156 30.65 -0.62 -17.82
N LEU B 157 30.87 -1.02 -19.08
CA LEU B 157 31.81 -0.38 -19.98
C LEU B 157 31.37 1.05 -20.33
N LEU B 158 30.08 1.24 -20.68
CA LEU B 158 29.48 2.54 -21.02
C LEU B 158 29.66 3.55 -19.89
N ARG B 159 29.52 3.11 -18.62
CA ARG B 159 29.69 3.96 -17.44
C ARG B 159 31.15 4.41 -17.32
N ARG B 160 32.11 3.46 -17.37
CA ARG B 160 33.54 3.73 -17.27
C ARG B 160 34.02 4.63 -18.43
N LEU B 161 33.47 4.43 -19.64
CA LEU B 161 33.79 5.24 -20.83
C LEU B 161 33.32 6.67 -20.64
N LEU B 162 32.11 6.86 -20.05
CA LEU B 162 31.53 8.18 -19.80
C LEU B 162 32.21 8.89 -18.63
N THR B 163 32.59 8.15 -17.56
CA THR B 163 33.26 8.68 -16.36
C THR B 163 34.65 9.21 -16.73
N SER B 164 35.47 8.39 -17.43
CA SER B 164 36.82 8.73 -17.88
C SER B 164 36.83 9.88 -18.89
N GLY B 165 35.79 9.96 -19.71
CA GLY B 165 35.61 10.99 -20.73
C GLY B 165 35.99 10.53 -22.13
N ILE B 166 36.20 9.21 -22.33
CA ILE B 166 36.54 8.59 -23.63
C ILE B 166 35.31 8.72 -24.54
N VAL B 167 34.11 8.43 -23.99
CA VAL B 167 32.84 8.60 -24.68
C VAL B 167 32.22 9.88 -24.13
N ILE B 168 32.02 10.89 -25.00
CA ILE B 168 31.45 12.17 -24.60
C ILE B 168 29.95 11.99 -24.32
N GLN B 169 29.20 11.38 -25.27
CA GLN B 169 27.76 11.17 -25.13
C GLN B 169 27.22 10.04 -26.03
N VAL B 170 26.05 9.51 -25.64
CA VAL B 170 25.29 8.49 -26.35
C VAL B 170 23.84 9.01 -26.42
N PHE B 171 23.27 9.15 -27.64
CA PHE B 171 21.93 9.70 -27.78
C PHE B 171 21.15 9.11 -28.96
N PRO B 172 19.79 9.01 -28.87
CA PRO B 172 19.02 8.49 -30.01
C PRO B 172 18.76 9.57 -31.06
N LEU B 173 18.65 9.17 -32.34
CA LEU B 173 18.43 10.08 -33.47
C LEU B 173 16.95 10.40 -33.67
N HIS B 174 16.66 11.66 -34.02
CA HIS B 174 15.31 12.15 -34.31
C HIS B 174 14.83 11.68 -35.68
N ASP B 175 13.52 11.40 -35.81
CA ASP B 175 12.92 11.06 -37.10
C ASP B 175 12.13 12.31 -37.52
N SER B 176 12.84 13.21 -38.24
CA SER B 176 12.39 14.52 -38.74
C SER B 176 10.94 14.51 -39.25
N GLU B 177 10.64 13.58 -40.20
CA GLU B 177 9.32 13.44 -40.83
C GLU B 177 8.24 13.05 -39.80
N ALA B 178 8.54 12.11 -38.89
CA ALA B 178 7.63 11.65 -37.85
C ALA B 178 7.38 12.75 -36.80
N LEU B 179 8.45 13.48 -36.42
CA LEU B 179 8.41 14.59 -35.45
C LEU B 179 7.54 15.73 -35.97
N LYS B 180 7.64 16.05 -37.28
CA LYS B 180 6.86 17.11 -37.93
C LYS B 180 5.37 16.76 -37.98
N LYS B 181 5.04 15.47 -38.18
CA LYS B 181 3.66 14.97 -38.24
C LYS B 181 3.00 15.08 -36.87
N LEU B 182 3.76 14.77 -35.79
CA LEU B 182 3.32 14.85 -34.40
C LEU B 182 3.13 16.33 -33.98
N GLU B 183 4.04 17.20 -34.43
CA GLU B 183 4.07 18.64 -34.15
C GLU B 183 2.78 19.34 -34.54
N ASP B 184 2.22 19.01 -35.72
CA ASP B 184 1.01 19.60 -36.27
C ASP B 184 -0.25 19.13 -35.53
N THR B 185 -0.20 17.93 -34.93
CA THR B 185 -1.33 17.37 -34.16
C THR B 185 -1.19 17.75 -32.67
N TRP B 186 -0.01 18.23 -32.25
CA TRP B 186 0.31 18.64 -30.88
C TRP B 186 0.06 20.15 -30.69
N TYR B 187 0.64 20.98 -31.58
CA TYR B 187 0.56 22.45 -31.61
C TYR B 187 0.81 22.94 -33.05
N LEU B 192 -8.63 24.64 -29.47
CA LEU B 192 -8.99 23.78 -28.35
C LEU B 192 -9.16 22.34 -28.82
N LYS B 193 -8.49 21.39 -28.13
CA LYS B 193 -8.49 19.95 -28.44
C LYS B 193 -7.87 19.10 -27.31
N TYR B 194 -8.07 17.77 -27.36
CA TYR B 194 -7.47 16.83 -26.43
C TYR B 194 -6.08 16.48 -26.94
N GLN B 195 -5.06 16.55 -26.07
CA GLN B 195 -3.65 16.29 -26.40
C GLN B 195 -3.44 14.86 -26.97
N PRO B 196 -2.56 14.67 -27.99
CA PRO B 196 -2.35 13.32 -28.53
C PRO B 196 -1.27 12.54 -27.74
N ILE B 197 -1.64 12.11 -26.51
CA ILE B 197 -0.77 11.40 -25.55
C ILE B 197 -0.23 10.08 -26.14
N ASP B 198 -1.06 9.35 -26.91
CA ASP B 198 -0.65 8.09 -27.55
C ASP B 198 0.39 8.35 -28.66
N SER B 199 0.31 9.51 -29.33
CA SER B 199 1.26 9.93 -30.37
C SER B 199 2.59 10.36 -29.74
N ILE B 200 2.53 11.08 -28.57
CA ILE B 200 3.71 11.52 -27.81
C ILE B 200 4.46 10.28 -27.29
N ARG B 201 3.70 9.24 -26.85
CA ARG B 201 4.23 7.96 -26.36
C ARG B 201 5.02 7.22 -27.44
N GLY B 202 4.47 7.17 -28.66
CA GLY B 202 5.08 6.52 -29.81
C GLY B 202 6.41 7.11 -30.23
N TYR B 203 6.60 8.43 -30.00
CA TYR B 203 7.82 9.12 -30.38
C TYR B 203 8.81 9.28 -29.21
N PHE B 204 8.34 9.80 -28.07
CA PHE B 204 9.20 10.12 -26.94
C PHE B 204 9.26 9.05 -25.84
N GLY B 205 8.21 8.25 -25.70
CA GLY B 205 8.17 7.22 -24.67
C GLY B 205 7.12 7.43 -23.59
N GLU B 206 7.02 6.45 -22.68
CA GLU B 206 6.03 6.41 -21.60
C GLU B 206 6.23 7.52 -20.56
N THR B 207 7.49 7.86 -20.21
CA THR B 207 7.80 8.88 -19.19
C THR B 207 7.41 10.30 -19.66
N ILE B 208 7.82 10.69 -20.88
CA ILE B 208 7.55 12.01 -21.45
C ILE B 208 6.04 12.15 -21.73
N ALA B 209 5.40 11.11 -22.29
CA ALA B 209 3.94 11.12 -22.54
C ALA B 209 3.13 11.15 -21.26
N LEU B 210 3.65 10.52 -20.17
CA LEU B 210 2.98 10.51 -18.87
C LEU B 210 2.95 11.91 -18.28
N TYR B 211 4.04 12.72 -18.50
CA TYR B 211 4.08 14.09 -18.02
C TYR B 211 3.00 14.92 -18.71
N PHE B 212 2.94 14.86 -20.06
CA PHE B 212 1.95 15.59 -20.86
C PHE B 212 0.52 15.09 -20.56
N GLY B 213 0.41 13.82 -20.15
CA GLY B 213 -0.85 13.20 -19.74
C GLY B 213 -1.32 13.76 -18.42
N PHE B 214 -0.37 13.96 -17.47
CA PHE B 214 -0.62 14.53 -16.15
C PHE B 214 -0.89 16.02 -16.26
N LEU B 215 -0.13 16.73 -17.15
CA LEU B 215 -0.28 18.16 -17.39
C LEU B 215 -1.70 18.46 -17.88
N GLU B 216 -2.17 17.71 -18.91
CA GLU B 216 -3.51 17.84 -19.50
C GLU B 216 -4.59 17.58 -18.43
N TYR B 217 -4.39 16.54 -17.58
CA TYR B 217 -5.30 16.16 -16.51
C TYR B 217 -5.38 17.24 -15.42
N PHE B 218 -4.22 17.66 -14.90
CA PHE B 218 -4.10 18.67 -13.83
C PHE B 218 -4.71 20.01 -14.25
N THR B 219 -4.57 20.40 -15.54
CA THR B 219 -5.16 21.64 -16.09
C THR B 219 -6.68 21.55 -16.00
N PHE B 220 -7.27 20.39 -16.41
CA PHE B 220 -8.72 20.15 -16.35
C PHE B 220 -9.19 20.08 -14.90
N ALA B 221 -8.39 19.43 -14.03
CA ALA B 221 -8.65 19.27 -12.60
C ALA B 221 -8.72 20.62 -11.89
N LEU B 222 -7.86 21.58 -12.28
CA LEU B 222 -7.82 22.92 -11.69
C LEU B 222 -9.02 23.81 -12.09
N ILE B 223 -9.67 23.51 -13.26
CA ILE B 223 -10.79 24.28 -13.82
C ILE B 223 -11.93 24.47 -12.77
N PRO B 224 -12.46 23.45 -12.05
CA PRO B 224 -13.51 23.74 -11.04
C PRO B 224 -13.06 24.78 -10.01
N MET B 225 -11.83 24.63 -9.46
CA MET B 225 -11.22 25.53 -8.47
C MET B 225 -11.02 26.96 -9.02
N ALA B 226 -10.81 27.09 -10.35
CA ALA B 226 -10.66 28.37 -11.01
C ALA B 226 -12.02 29.09 -11.13
N VAL B 227 -13.09 28.32 -11.44
CA VAL B 227 -14.45 28.84 -11.59
C VAL B 227 -15.06 29.15 -10.21
N ILE B 228 -14.87 28.28 -9.19
CA ILE B 228 -15.39 28.49 -7.83
C ILE B 228 -14.72 29.72 -7.19
N GLY B 229 -13.40 29.83 -7.36
CA GLY B 229 -12.60 30.92 -6.80
C GLY B 229 -12.77 32.28 -7.45
N LEU B 230 -13.24 32.32 -8.72
CA LEU B 230 -13.43 33.56 -9.48
C LEU B 230 -14.41 34.55 -8.79
N PRO B 231 -15.67 34.20 -8.37
CA PRO B 231 -16.53 35.21 -7.71
C PRO B 231 -16.06 35.64 -6.31
N TYR B 232 -15.13 34.89 -5.68
CA TYR B 232 -14.58 35.20 -4.36
C TYR B 232 -13.70 36.45 -4.43
N TYR B 233 -13.05 36.67 -5.59
CA TYR B 233 -12.20 37.82 -5.86
C TYR B 233 -13.05 38.99 -6.37
N LEU B 234 -13.87 38.73 -7.41
CA LEU B 234 -14.72 39.71 -8.10
C LEU B 234 -15.69 40.45 -7.18
N PHE B 235 -16.40 39.72 -6.29
CA PHE B 235 -17.38 40.32 -5.39
C PHE B 235 -16.85 40.51 -3.98
N VAL B 236 -15.56 40.15 -3.73
CA VAL B 236 -14.84 40.25 -2.46
C VAL B 236 -15.68 39.56 -1.35
N TRP B 237 -15.74 38.22 -1.42
CA TRP B 237 -16.47 37.38 -0.48
C TRP B 237 -15.58 37.05 0.71
N GLU B 238 -15.80 37.75 1.83
CA GLU B 238 -14.99 37.58 3.05
C GLU B 238 -15.87 37.16 4.25
N ASP B 239 -16.68 36.10 4.07
CA ASP B 239 -17.57 35.56 5.10
C ASP B 239 -17.04 34.23 5.62
N TYR B 240 -17.41 33.86 6.88
CA TYR B 240 -17.01 32.61 7.50
C TYR B 240 -17.59 31.43 6.71
N ASP B 241 -18.92 31.41 6.52
CA ASP B 241 -19.66 30.38 5.77
C ASP B 241 -19.10 30.21 4.36
N LYS B 242 -18.87 31.34 3.64
CA LYS B 242 -18.34 31.35 2.27
C LYS B 242 -16.90 30.81 2.21
N TYR B 243 -16.06 31.09 3.22
CA TYR B 243 -14.69 30.57 3.23
C TYR B 243 -14.65 29.09 3.60
N VAL B 244 -15.55 28.64 4.51
CA VAL B 244 -15.65 27.23 4.94
C VAL B 244 -16.11 26.39 3.74
N ILE B 245 -17.11 26.86 2.95
CA ILE B 245 -17.62 26.16 1.77
C ILE B 245 -16.47 25.95 0.75
N PHE B 246 -15.71 27.02 0.43
CA PHE B 246 -14.59 26.98 -0.51
C PHE B 246 -13.47 26.05 -0.04
N ALA B 247 -13.07 26.15 1.25
CA ALA B 247 -12.03 25.31 1.85
C ALA B 247 -12.46 23.84 1.95
N SER B 248 -13.76 23.58 2.22
CA SER B 248 -14.30 22.22 2.29
C SER B 248 -14.24 21.59 0.91
N PHE B 249 -14.61 22.36 -0.13
CA PHE B 249 -14.58 21.92 -1.52
C PHE B 249 -13.13 21.67 -1.94
N ASN B 250 -12.20 22.56 -1.50
CA ASN B 250 -10.75 22.50 -1.76
C ASN B 250 -10.16 21.17 -1.24
N LEU B 251 -10.47 20.80 0.01
CA LEU B 251 -9.97 19.59 0.67
C LEU B 251 -10.54 18.32 0.03
N ILE B 252 -11.81 18.34 -0.44
CA ILE B 252 -12.44 17.20 -1.12
C ILE B 252 -11.80 17.06 -2.51
N TRP B 253 -11.66 18.20 -3.24
CA TRP B 253 -11.06 18.30 -4.57
C TRP B 253 -9.65 17.72 -4.60
N SER B 254 -8.79 18.12 -3.65
CA SER B 254 -7.41 17.66 -3.49
C SER B 254 -7.29 16.14 -3.47
N THR B 255 -8.15 15.46 -2.68
CA THR B 255 -8.15 13.99 -2.54
C THR B 255 -8.67 13.31 -3.81
N VAL B 256 -9.88 13.70 -4.26
CA VAL B 256 -10.58 13.14 -5.42
C VAL B 256 -9.74 13.27 -6.72
N ILE B 257 -9.09 14.43 -6.97
CA ILE B 257 -8.29 14.58 -8.20
C ILE B 257 -7.03 13.70 -8.20
N LEU B 258 -6.37 13.54 -7.03
CA LEU B 258 -5.17 12.71 -6.93
C LEU B 258 -5.52 11.23 -6.98
N GLU B 259 -6.74 10.86 -6.54
CA GLU B 259 -7.25 9.50 -6.58
C GLU B 259 -7.72 9.15 -7.99
N LEU B 260 -8.44 10.08 -8.66
CA LEU B 260 -8.93 9.91 -10.04
C LEU B 260 -7.77 9.84 -11.04
N TRP B 261 -6.61 10.50 -10.71
CA TRP B 261 -5.42 10.46 -11.56
C TRP B 261 -4.87 9.04 -11.58
N LYS B 262 -4.77 8.39 -10.39
CA LYS B 262 -4.29 7.01 -10.23
C LYS B 262 -5.07 6.06 -11.14
N ARG B 263 -6.42 6.19 -11.14
CA ARG B 263 -7.37 5.40 -11.92
C ARG B 263 -7.17 5.61 -13.42
N GLY B 264 -7.05 6.88 -13.83
CA GLY B 264 -6.84 7.30 -15.21
C GLY B 264 -5.52 6.84 -15.78
N CYS B 265 -4.46 6.94 -14.96
CA CYS B 265 -3.10 6.51 -15.28
C CYS B 265 -3.06 5.00 -15.45
N ALA B 266 -3.80 4.24 -14.60
CA ALA B 266 -3.89 2.78 -14.65
C ALA B 266 -4.52 2.33 -15.97
N ASN B 267 -5.54 3.05 -16.48
CA ASN B 267 -6.22 2.79 -17.75
C ASN B 267 -5.26 2.96 -18.92
N MET B 268 -4.51 4.07 -18.90
CA MET B 268 -3.55 4.49 -19.91
C MET B 268 -2.34 3.56 -19.96
N THR B 269 -1.73 3.25 -18.80
CA THR B 269 -0.54 2.38 -18.73
C THR B 269 -0.88 0.92 -19.04
N TYR B 270 -2.16 0.52 -18.87
CA TYR B 270 -2.59 -0.83 -19.23
C TYR B 270 -2.67 -0.93 -20.76
N ARG B 271 -3.29 0.10 -21.39
CA ARG B 271 -3.47 0.24 -22.84
C ARG B 271 -2.10 0.25 -23.53
N TRP B 272 -1.10 0.89 -22.89
CA TRP B 272 0.28 0.97 -23.36
C TRP B 272 1.00 -0.37 -23.18
N GLY B 273 0.69 -1.06 -22.07
CA GLY B 273 1.28 -2.34 -21.70
C GLY B 273 2.35 -2.25 -20.62
N THR B 274 2.79 -1.02 -20.31
CA THR B 274 3.83 -0.73 -19.32
C THR B 274 3.37 -1.04 -17.87
N LEU B 275 2.04 -1.14 -17.63
CA LEU B 275 1.46 -1.48 -16.32
C LEU B 275 1.65 -2.97 -16.01
N LEU B 276 1.66 -3.80 -17.06
CA LEU B 276 1.82 -5.27 -16.99
C LEU B 276 3.30 -5.67 -16.93
N MET B 277 4.21 -4.69 -17.02
CA MET B 277 5.66 -4.91 -16.97
C MET B 277 6.15 -5.04 -15.54
N LYS B 278 6.91 -6.11 -15.27
CA LYS B 278 7.50 -6.36 -13.96
C LYS B 278 8.92 -5.82 -14.00
N ARG B 279 9.03 -4.49 -13.75
CA ARG B 279 10.26 -3.69 -13.81
C ARG B 279 11.27 -4.05 -12.70
N LYS B 280 10.82 -4.70 -11.62
CA LYS B 280 11.68 -5.09 -10.49
C LYS B 280 12.74 -6.15 -10.87
N PHE B 281 12.45 -6.99 -11.88
CA PHE B 281 13.36 -8.05 -12.34
C PHE B 281 14.28 -7.57 -13.47
N GLU B 282 14.19 -6.27 -13.86
CA GLU B 282 15.03 -5.66 -14.91
C GLU B 282 16.50 -5.59 -14.50
N GLU B 283 17.38 -5.56 -15.51
CA GLU B 283 18.83 -5.50 -15.32
C GLU B 283 19.25 -4.15 -14.68
N PRO B 284 20.37 -4.10 -13.90
CA PRO B 284 20.72 -2.84 -13.22
C PRO B 284 21.21 -1.71 -14.13
N ARG B 285 21.13 -0.46 -13.61
CA ARG B 285 21.56 0.78 -14.26
C ARG B 285 23.09 0.76 -14.45
N PRO B 286 23.68 1.45 -15.48
CA PRO B 286 25.15 1.40 -15.67
C PRO B 286 25.95 1.95 -14.48
N GLY B 287 25.33 2.85 -13.69
CA GLY B 287 25.96 3.44 -12.51
C GLY B 287 26.04 2.54 -11.29
N PHE B 288 25.43 1.35 -11.36
CA PHE B 288 25.43 0.39 -10.27
C PHE B 288 26.68 -0.48 -10.29
N HIS B 289 27.44 -0.44 -9.18
CA HIS B 289 28.67 -1.20 -8.98
C HIS B 289 28.48 -2.29 -7.91
N GLY B 290 29.31 -3.31 -7.97
CA GLY B 290 29.29 -4.44 -7.06
C GLY B 290 30.11 -5.60 -7.56
N VAL B 291 30.31 -6.62 -6.70
CA VAL B 291 31.07 -7.82 -7.02
C VAL B 291 30.23 -8.67 -7.98
N LEU B 292 30.81 -9.05 -9.14
CA LEU B 292 30.13 -9.85 -10.15
C LEU B 292 29.80 -11.24 -9.57
N GLY B 293 28.52 -11.59 -9.66
CA GLY B 293 28.00 -12.85 -9.17
C GLY B 293 26.67 -13.21 -9.81
N ILE B 294 26.07 -14.31 -9.34
CA ILE B 294 24.78 -14.78 -9.86
C ILE B 294 23.65 -14.25 -8.99
N ASN B 295 22.67 -13.59 -9.63
CA ASN B 295 21.47 -13.05 -8.99
C ASN B 295 20.64 -14.22 -8.44
N SER B 296 20.14 -14.09 -7.20
CA SER B 296 19.35 -15.15 -6.54
C SER B 296 17.96 -15.30 -7.17
N ILE B 297 17.38 -14.19 -7.67
CA ILE B 297 16.03 -14.15 -8.24
C ILE B 297 16.03 -14.48 -9.75
N THR B 298 16.72 -13.67 -10.58
CA THR B 298 16.74 -13.80 -12.04
C THR B 298 17.78 -14.82 -12.56
N GLY B 299 18.84 -15.06 -11.79
CA GLY B 299 19.90 -15.99 -12.16
C GLY B 299 20.90 -15.44 -13.14
N LYS B 300 20.87 -14.12 -13.40
CA LYS B 300 21.74 -13.41 -14.33
C LYS B 300 23.08 -13.07 -13.67
N GLU B 301 24.18 -13.14 -14.45
CA GLU B 301 25.52 -12.79 -13.98
C GLU B 301 25.66 -11.27 -14.06
N GLU B 302 25.47 -10.61 -12.92
CA GLU B 302 25.48 -9.14 -12.81
C GLU B 302 26.14 -8.69 -11.48
N PRO B 303 26.49 -7.38 -11.30
CA PRO B 303 27.09 -6.96 -10.02
C PRO B 303 26.14 -7.15 -8.84
N LEU B 304 26.70 -7.49 -7.67
CA LEU B 304 25.94 -7.71 -6.45
C LEU B 304 26.42 -6.76 -5.36
N TYR B 305 25.48 -6.02 -4.76
CA TYR B 305 25.81 -5.08 -3.69
C TYR B 305 24.88 -5.28 -2.48
N PRO B 306 25.45 -5.38 -1.26
CA PRO B 306 24.60 -5.61 -0.07
C PRO B 306 23.74 -4.41 0.25
N SER B 307 22.42 -4.64 0.44
CA SER B 307 21.42 -3.61 0.74
C SER B 307 21.76 -2.82 2.00
N TYR B 308 22.32 -3.48 3.04
CA TYR B 308 22.68 -2.84 4.31
C TYR B 308 23.68 -1.69 4.10
N LYS B 309 24.66 -1.83 3.19
CA LYS B 309 25.66 -0.80 2.88
C LYS B 309 24.98 0.45 2.28
N ARG B 310 23.99 0.25 1.40
CA ARG B 310 23.19 1.29 0.77
C ARG B 310 22.32 1.99 1.81
N GLN B 311 21.69 1.22 2.72
CA GLN B 311 20.81 1.72 3.79
C GLN B 311 21.57 2.60 4.79
N LEU B 312 22.80 2.21 5.17
CA LEU B 312 23.65 2.97 6.10
C LEU B 312 24.01 4.34 5.49
N ARG B 313 24.35 4.37 4.18
CA ARG B 313 24.68 5.57 3.43
C ARG B 313 23.46 6.53 3.35
N ILE B 314 22.24 5.95 3.30
CA ILE B 314 20.97 6.68 3.22
C ILE B 314 20.66 7.36 4.57
N TYR B 315 20.58 6.59 5.66
CA TYR B 315 20.18 7.08 6.98
C TYR B 315 21.28 7.74 7.82
N LEU B 316 22.57 7.42 7.59
CA LEU B 316 23.65 7.99 8.39
C LEU B 316 24.39 9.15 7.71
N VAL B 317 24.41 9.21 6.37
CA VAL B 317 25.15 10.26 5.66
C VAL B 317 24.20 11.20 4.91
N SER B 318 23.36 10.65 4.02
CA SER B 318 22.45 11.41 3.18
C SER B 318 21.32 12.12 3.96
N LEU B 319 20.59 11.38 4.81
CA LEU B 319 19.49 11.92 5.61
C LEU B 319 19.96 13.09 6.51
N PRO B 320 21.06 13.00 7.31
CA PRO B 320 21.48 14.16 8.13
C PRO B 320 21.89 15.36 7.29
N PHE B 321 22.47 15.13 6.09
CA PHE B 321 22.89 16.19 5.17
C PHE B 321 21.68 16.98 4.66
N VAL B 322 20.61 16.27 4.25
CA VAL B 322 19.35 16.87 3.74
C VAL B 322 18.73 17.73 4.85
N CYS B 323 18.77 17.24 6.11
CA CYS B 323 18.25 17.94 7.29
C CYS B 323 19.08 19.19 7.61
N LEU B 324 20.40 19.15 7.35
CA LEU B 324 21.28 20.29 7.58
C LEU B 324 20.99 21.41 6.58
N CYS B 325 20.77 21.05 5.29
CA CYS B 325 20.47 21.97 4.21
C CYS B 325 19.09 22.59 4.41
N LEU B 326 18.15 21.80 4.95
CA LEU B 326 16.78 22.23 5.25
C LEU B 326 16.78 23.23 6.41
N TYR B 327 17.67 23.01 7.41
CA TYR B 327 17.84 23.91 8.56
C TYR B 327 18.52 25.21 8.10
N PHE B 328 19.51 25.10 7.21
CA PHE B 328 20.25 26.24 6.66
C PHE B 328 19.32 27.11 5.81
N SER B 329 18.35 26.48 5.10
CA SER B 329 17.34 27.16 4.27
C SER B 329 16.49 28.08 5.14
N LEU B 330 16.08 27.58 6.33
CA LEU B 330 15.29 28.31 7.31
C LEU B 330 16.13 29.41 7.95
N TYR B 331 17.44 29.16 8.16
CA TYR B 331 18.38 30.11 8.74
C TYR B 331 18.58 31.31 7.81
N VAL B 332 18.76 31.05 6.49
CA VAL B 332 18.96 32.07 5.44
C VAL B 332 17.67 32.89 5.29
N MET B 333 16.48 32.24 5.39
CA MET B 333 15.17 32.87 5.31
C MET B 333 15.01 33.91 6.42
N MET B 334 15.42 33.55 7.66
CA MET B 334 15.35 34.41 8.83
C MET B 334 16.19 35.69 8.66
N ILE B 335 17.38 35.56 8.03
CA ILE B 335 18.27 36.68 7.73
C ILE B 335 17.57 37.62 6.75
N TYR B 336 16.78 37.07 5.79
CA TYR B 336 16.01 37.86 4.83
C TYR B 336 14.89 38.63 5.55
N PHE B 337 14.20 37.98 6.50
CA PHE B 337 13.11 38.61 7.25
C PHE B 337 13.65 39.57 8.33
N ASP B 338 14.97 39.58 8.56
CA ASP B 338 15.67 40.50 9.46
C ASP B 338 16.18 41.67 8.64
N MET B 339 16.47 41.40 7.35
CA MET B 339 16.93 42.38 6.36
C MET B 339 15.77 43.28 5.91
N GLU B 340 14.55 42.72 5.82
CA GLU B 340 13.32 43.44 5.45
C GLU B 340 12.87 44.37 6.57
N VAL B 341 13.34 44.12 7.81
CA VAL B 341 13.08 44.94 8.99
C VAL B 341 14.03 46.17 8.94
N TRP B 342 15.32 45.93 8.59
CA TRP B 342 16.37 46.94 8.44
C TRP B 342 16.09 47.88 7.24
N ALA B 343 15.40 47.36 6.20
CA ALA B 343 15.03 48.09 4.99
C ALA B 343 13.78 48.96 5.23
N LEU B 344 12.85 48.47 6.09
CA LEU B 344 11.62 49.16 6.47
C LEU B 344 11.91 50.36 7.36
N GLY B 345 12.99 50.26 8.15
CA GLY B 345 13.43 51.32 9.05
C GLY B 345 14.19 52.43 8.34
N LEU B 346 14.96 52.06 7.29
CA LEU B 346 15.74 52.99 6.47
C LEU B 346 14.84 53.90 5.63
N HIS B 347 13.70 53.37 5.15
CA HIS B 347 12.72 54.10 4.34
C HIS B 347 11.92 55.06 5.24
N TRP B 354 16.14 57.41 -3.30
CA TRP B 354 17.15 56.38 -3.06
C TRP B 354 16.62 55.23 -2.19
N THR B 355 15.73 55.54 -1.23
CA THR B 355 15.13 54.58 -0.29
C THR B 355 14.16 53.61 -0.97
N SER B 356 13.41 54.08 -2.01
CA SER B 356 12.44 53.28 -2.76
C SER B 356 13.12 52.15 -3.55
N VAL B 357 14.40 52.33 -3.90
CA VAL B 357 15.22 51.35 -4.61
C VAL B 357 15.75 50.33 -3.60
N LEU B 358 16.19 50.82 -2.41
CA LEU B 358 16.74 50.03 -1.29
C LEU B 358 15.73 49.03 -0.71
N LEU B 359 14.42 49.25 -0.91
CA LEU B 359 13.35 48.37 -0.42
C LEU B 359 13.29 47.05 -1.20
N TYR B 360 13.63 47.10 -2.51
CA TYR B 360 13.62 45.93 -3.40
C TYR B 360 14.88 45.08 -3.23
N VAL B 361 16.00 45.71 -2.83
CA VAL B 361 17.35 45.14 -2.63
C VAL B 361 17.32 43.82 -1.77
N PRO B 362 16.70 43.73 -0.55
CA PRO B 362 16.74 42.46 0.20
C PRO B 362 16.03 41.30 -0.50
N SER B 363 14.95 41.59 -1.24
CA SER B 363 14.18 40.59 -2.01
C SER B 363 15.01 40.06 -3.19
N ILE B 364 15.77 40.96 -3.84
CA ILE B 364 16.66 40.66 -4.98
C ILE B 364 17.81 39.75 -4.48
N ILE B 365 18.44 40.10 -3.34
CA ILE B 365 19.56 39.35 -2.73
C ILE B 365 19.12 37.93 -2.38
N TYR B 366 18.01 37.77 -1.62
CA TYR B 366 17.48 36.49 -1.16
C TYR B 366 17.14 35.56 -2.33
N ALA B 367 16.47 36.07 -3.38
CA ALA B 367 16.09 35.31 -4.58
C ALA B 367 17.32 34.80 -5.35
N ILE B 368 18.42 35.57 -5.33
CA ILE B 368 19.70 35.23 -5.96
C ILE B 368 20.37 34.11 -5.15
N VAL B 369 20.42 34.27 -3.80
CA VAL B 369 20.99 33.30 -2.85
C VAL B 369 20.26 31.94 -3.01
N ILE B 370 18.92 31.98 -3.19
CA ILE B 370 18.04 30.82 -3.41
C ILE B 370 18.54 30.04 -4.64
N GLU B 371 18.83 30.75 -5.76
CA GLU B 371 19.32 30.17 -7.02
C GLU B 371 20.71 29.54 -6.85
N ILE B 372 21.59 30.20 -6.06
CA ILE B 372 22.95 29.70 -5.74
C ILE B 372 22.82 28.41 -4.91
N MET B 373 21.86 28.40 -3.96
CA MET B 373 21.59 27.27 -3.08
C MET B 373 20.98 26.09 -3.85
N ASN B 374 20.03 26.35 -4.77
CA ASN B 374 19.36 25.30 -5.55
C ASN B 374 20.30 24.63 -6.55
N ARG B 375 21.26 25.36 -7.14
CA ARG B 375 22.22 24.76 -8.08
C ARG B 375 23.30 23.95 -7.31
N LEU B 376 23.70 24.42 -6.11
CA LEU B 376 24.70 23.75 -5.28
C LEU B 376 24.16 22.47 -4.63
N TYR B 377 22.92 22.53 -4.10
CA TYR B 377 22.25 21.39 -3.46
C TYR B 377 21.96 20.29 -4.48
N ARG B 378 21.61 20.64 -5.74
CA ARG B 378 21.32 19.66 -6.78
C ARG B 378 22.57 18.87 -7.16
N TYR B 379 23.77 19.51 -7.14
CA TYR B 379 25.04 18.82 -7.41
C TYR B 379 25.36 17.83 -6.29
N ALA B 380 25.15 18.26 -5.03
CA ALA B 380 25.37 17.46 -3.83
C ALA B 380 24.38 16.29 -3.74
N ALA B 381 23.11 16.52 -4.15
CA ALA B 381 22.04 15.52 -4.16
C ALA B 381 22.31 14.47 -5.22
N GLU B 382 22.71 14.89 -6.46
CA GLU B 382 23.04 14.02 -7.58
C GLU B 382 24.23 13.13 -7.24
N PHE B 383 25.20 13.67 -6.47
CA PHE B 383 26.39 12.95 -6.01
C PHE B 383 26.02 11.87 -4.99
N LEU B 384 25.27 12.25 -3.93
CA LEU B 384 24.87 11.35 -2.85
C LEU B 384 23.95 10.22 -3.31
N THR B 385 23.01 10.49 -4.25
CA THR B 385 22.09 9.46 -4.76
C THR B 385 22.87 8.46 -5.63
N SER B 386 23.91 8.94 -6.35
CA SER B 386 24.79 8.08 -7.14
C SER B 386 25.68 7.26 -6.21
N TRP B 387 26.18 7.90 -5.13
CA TRP B 387 27.05 7.28 -4.15
C TRP B 387 26.30 6.22 -3.31
N GLU B 388 24.98 6.44 -3.05
CA GLU B 388 24.10 5.51 -2.33
C GLU B 388 24.11 4.12 -2.99
N ASN B 389 24.35 4.12 -4.33
CA ASN B 389 24.48 2.98 -5.24
C ASN B 389 23.15 2.20 -5.35
N HIS B 390 22.18 2.80 -6.06
CA HIS B 390 20.88 2.19 -6.31
C HIS B 390 20.98 1.23 -7.49
N ARG B 391 20.32 0.07 -7.42
CA ARG B 391 20.38 -0.95 -8.47
C ARG B 391 19.56 -0.58 -9.69
N LEU B 392 18.31 -0.10 -9.51
CA LEU B 392 17.45 0.26 -10.64
C LEU B 392 17.39 1.77 -10.84
N GLU B 393 17.23 2.20 -12.10
CA GLU B 393 17.15 3.63 -12.49
C GLU B 393 15.96 4.31 -11.79
N SER B 394 14.82 3.60 -11.68
CA SER B 394 13.60 4.07 -11.02
C SER B 394 13.87 4.44 -9.55
N ALA B 395 14.64 3.60 -8.83
CA ALA B 395 15.04 3.82 -7.44
C ALA B 395 15.91 5.08 -7.31
N TYR B 396 16.94 5.20 -8.19
CA TYR B 396 17.84 6.37 -8.25
C TYR B 396 17.02 7.65 -8.43
N GLN B 397 16.05 7.63 -9.37
CA GLN B 397 15.20 8.77 -9.69
C GLN B 397 14.32 9.16 -8.50
N ASN B 398 13.59 8.20 -7.90
CA ASN B 398 12.70 8.44 -6.75
C ASN B 398 13.42 9.05 -5.55
N HIS B 399 14.65 8.57 -5.24
CA HIS B 399 15.44 9.08 -4.13
C HIS B 399 15.99 10.47 -4.43
N LEU B 400 16.46 10.70 -5.69
CA LEU B 400 16.99 12.00 -6.13
C LEU B 400 15.87 13.06 -6.14
N ILE B 401 14.68 12.71 -6.68
CA ILE B 401 13.52 13.62 -6.75
C ILE B 401 13.17 14.05 -5.31
N LEU B 402 13.03 13.07 -4.39
CA LEU B 402 12.68 13.29 -2.99
C LEU B 402 13.63 14.27 -2.27
N LYS B 403 14.96 14.16 -2.52
CA LYS B 403 15.97 15.03 -1.91
C LYS B 403 15.85 16.48 -2.39
N VAL B 404 15.88 16.68 -3.73
CA VAL B 404 15.81 17.98 -4.39
C VAL B 404 14.45 18.67 -4.13
N LEU B 405 13.36 17.88 -4.12
CA LEU B 405 12.00 18.38 -3.93
C LEU B 405 11.75 18.99 -2.54
N VAL B 406 12.16 18.31 -1.44
CA VAL B 406 11.95 18.82 -0.07
C VAL B 406 12.71 20.15 0.12
N PHE B 407 13.88 20.30 -0.50
CA PHE B 407 14.68 21.52 -0.43
C PHE B 407 13.99 22.64 -1.22
N ASN B 408 13.63 22.37 -2.50
CA ASN B 408 12.95 23.31 -3.40
C ASN B 408 11.59 23.77 -2.86
N PHE B 409 10.83 22.85 -2.21
CA PHE B 409 9.54 23.15 -1.59
C PHE B 409 9.74 24.10 -0.42
N LEU B 410 10.68 23.76 0.51
CA LEU B 410 10.97 24.55 1.70
C LEU B 410 11.39 25.97 1.34
N ASN B 411 12.37 26.16 0.43
CA ASN B 411 12.81 27.51 0.02
C ASN B 411 11.66 28.35 -0.58
N CYS B 412 10.75 27.69 -1.30
CA CYS B 412 9.63 28.33 -1.97
C CYS B 412 8.49 28.67 -1.00
N PHE B 413 8.12 27.73 -0.11
CA PHE B 413 6.97 27.87 0.78
C PHE B 413 7.30 28.36 2.22
N ALA B 414 8.52 28.13 2.77
CA ALA B 414 8.89 28.60 4.13
C ALA B 414 8.67 30.10 4.29
N SER B 415 9.07 30.91 3.28
CA SER B 415 8.89 32.37 3.28
C SER B 415 7.39 32.72 3.22
N LEU B 416 6.61 31.95 2.43
CA LEU B 416 5.15 32.12 2.26
C LEU B 416 4.42 31.80 3.58
N PHE B 417 4.82 30.72 4.27
CA PHE B 417 4.26 30.30 5.56
C PHE B 417 4.60 31.34 6.65
N TYR B 418 5.80 31.94 6.59
CA TYR B 418 6.26 32.95 7.54
C TYR B 418 5.41 34.21 7.46
N ILE B 419 5.11 34.69 6.23
CA ILE B 419 4.29 35.89 5.99
C ILE B 419 2.86 35.63 6.48
N ALA B 420 2.32 34.42 6.17
CA ALA B 420 0.96 34.00 6.48
C ALA B 420 0.71 33.73 7.98
N PHE B 421 1.60 33.00 8.67
CA PHE B 421 1.33 32.59 10.04
C PHE B 421 2.22 33.26 11.11
N VAL B 422 3.41 33.79 10.76
CA VAL B 422 4.25 34.48 11.74
C VAL B 422 3.95 35.98 11.65
N LEU B 423 4.13 36.58 10.45
CA LEU B 423 3.87 37.99 10.20
C LEU B 423 2.36 38.29 10.15
N LYS B 424 1.55 37.28 9.74
CA LYS B 424 0.07 37.32 9.61
C LYS B 424 -0.38 38.52 8.72
N ASP B 425 0.43 38.81 7.68
CA ASP B 425 0.23 39.89 6.72
C ASP B 425 -0.35 39.31 5.43
N MET B 426 -1.69 39.27 5.30
CA MET B 426 -2.40 38.71 4.14
C MET B 426 -2.21 39.57 2.89
N LYS B 427 -1.97 40.89 3.05
CA LYS B 427 -1.72 41.82 1.95
C LYS B 427 -0.39 41.47 1.27
N LEU B 428 0.65 41.19 2.08
CA LEU B 428 1.98 40.80 1.62
C LEU B 428 1.95 39.39 1.01
N LEU B 429 1.15 38.48 1.61
CA LEU B 429 1.01 37.10 1.12
C LEU B 429 0.37 37.10 -0.27
N ARG B 430 -0.69 37.92 -0.47
CA ARG B 430 -1.38 38.05 -1.75
C ARG B 430 -0.41 38.56 -2.83
N GLN B 431 0.36 39.63 -2.51
CA GLN B 431 1.37 40.22 -3.39
C GLN B 431 2.50 39.22 -3.69
N SER B 432 2.86 38.36 -2.71
CA SER B 432 3.88 37.33 -2.87
C SER B 432 3.42 36.26 -3.84
N LEU B 433 2.17 35.79 -3.69
CA LEU B 433 1.55 34.78 -4.56
C LEU B 433 1.31 35.33 -5.97
N ALA B 434 0.94 36.63 -6.09
CA ALA B 434 0.70 37.32 -7.35
C ALA B 434 1.98 37.37 -8.21
N THR B 435 3.14 37.59 -7.58
CA THR B 435 4.44 37.63 -8.27
C THR B 435 4.77 36.21 -8.76
N LEU B 436 4.58 35.19 -7.90
CA LEU B 436 4.84 33.78 -8.17
C LEU B 436 3.97 33.23 -9.31
N LEU B 437 2.66 33.59 -9.31
CA LEU B 437 1.69 33.08 -10.27
C LEU B 437 1.62 33.89 -11.58
N ILE B 438 2.04 35.16 -11.59
CA ILE B 438 1.97 35.96 -12.82
C ILE B 438 3.39 36.21 -13.38
N THR B 439 4.13 37.22 -12.85
CA THR B 439 5.46 37.64 -13.30
C THR B 439 6.48 36.48 -13.36
N SER B 440 6.57 35.66 -12.28
CA SER B 440 7.52 34.55 -12.21
C SER B 440 7.23 33.48 -13.28
N GLN B 441 5.94 33.18 -13.55
CA GLN B 441 5.53 32.18 -14.55
C GLN B 441 5.77 32.68 -15.99
N ILE B 442 5.63 34.01 -16.25
CA ILE B 442 5.89 34.60 -17.57
C ILE B 442 7.39 34.50 -17.87
N LEU B 443 8.24 34.90 -16.89
CA LEU B 443 9.70 34.84 -16.98
C LEU B 443 10.19 33.42 -17.10
N ASN B 444 9.54 32.47 -16.39
CA ASN B 444 9.86 31.04 -16.44
C ASN B 444 9.70 30.49 -17.86
N GLN B 445 8.60 30.82 -18.55
CA GLN B 445 8.31 30.37 -19.92
C GLN B 445 9.35 30.87 -20.93
N ILE B 446 9.86 32.10 -20.72
CA ILE B 446 10.89 32.71 -21.57
C ILE B 446 12.21 31.93 -21.38
N MET B 447 12.62 31.69 -20.12
CA MET B 447 13.85 30.97 -19.80
C MET B 447 13.77 29.47 -20.15
N GLU B 448 12.59 28.83 -20.00
CA GLU B 448 12.35 27.41 -20.21
C GLU B 448 12.37 27.00 -21.68
N SER B 449 11.64 27.71 -22.57
CA SER B 449 11.57 27.27 -23.96
C SER B 449 11.72 28.38 -25.01
N PHE B 450 11.09 29.56 -24.82
CA PHE B 450 11.10 30.65 -25.79
C PHE B 450 12.52 31.18 -26.11
N LEU B 451 13.34 31.44 -25.08
CA LEU B 451 14.72 31.90 -25.29
C LEU B 451 15.58 30.73 -25.81
N PRO B 452 15.58 29.50 -25.19
CA PRO B 452 16.40 28.39 -25.75
C PRO B 452 16.02 28.00 -27.19
N TYR B 453 14.72 28.15 -27.59
CA TYR B 453 14.27 27.85 -28.95
C TYR B 453 14.88 28.85 -29.92
N TRP B 454 14.83 30.15 -29.57
CA TRP B 454 15.39 31.26 -30.36
C TRP B 454 16.88 30.98 -30.62
N LEU B 455 17.63 30.61 -29.57
CA LEU B 455 19.06 30.32 -29.62
C LEU B 455 19.36 29.02 -30.39
N GLN B 456 18.47 28.00 -30.33
CA GLN B 456 18.65 26.74 -31.07
C GLN B 456 18.34 26.96 -32.56
N ARG B 457 17.30 27.77 -32.87
CA ARG B 457 16.91 28.09 -34.24
C ARG B 457 18.04 28.84 -34.94
N LYS B 458 18.66 29.84 -34.26
CA LYS B 458 19.78 30.64 -34.78
C LYS B 458 20.97 29.75 -35.13
N HIS B 459 21.27 28.74 -34.28
CA HIS B 459 22.34 27.78 -34.50
C HIS B 459 22.00 26.84 -35.67
N GLY B 460 20.73 26.43 -35.75
CA GLY B 460 20.19 25.55 -36.78
C GLY B 460 20.33 26.11 -38.19
N VAL B 461 19.96 27.39 -38.36
CA VAL B 461 20.05 28.12 -39.63
C VAL B 461 21.53 28.22 -40.04
N ARG B 462 22.40 28.53 -39.05
CA ARG B 462 23.84 28.66 -39.22
C ARG B 462 24.50 27.34 -39.63
N VAL B 463 24.04 26.18 -39.10
CA VAL B 463 24.63 24.87 -39.43
C VAL B 463 24.28 24.49 -40.89
N LYS B 464 23.00 24.62 -41.28
CA LYS B 464 22.49 24.31 -42.62
C LYS B 464 23.18 25.17 -43.71
N ARG B 465 23.41 26.46 -43.40
CA ARG B 465 24.07 27.40 -44.31
C ARG B 465 25.57 27.09 -44.47
N LYS B 466 26.20 26.56 -43.39
CA LYS B 466 27.61 26.19 -43.37
C LYS B 466 27.90 25.01 -44.28
N VAL B 467 27.03 23.97 -44.22
CA VAL B 467 27.13 22.72 -44.98
C VAL B 467 26.85 22.98 -46.49
N GLN B 468 25.87 23.87 -46.82
CA GLN B 468 25.52 24.22 -48.19
C GLN B 468 26.68 24.92 -48.91
N ALA B 469 27.50 25.66 -48.15
CA ALA B 469 28.66 26.40 -48.63
C ALA B 469 29.81 25.47 -49.04
N LEU B 470 29.87 24.26 -48.44
CA LEU B 470 30.91 23.27 -48.71
C LEU B 470 30.79 22.70 -50.13
N LYS B 471 29.56 22.34 -50.55
CA LYS B 471 29.24 21.74 -51.86
C LYS B 471 30.02 20.44 -52.00
N ALA B 472 29.79 19.52 -51.04
CA ALA B 472 30.43 18.22 -50.94
C ALA B 472 30.04 17.31 -52.09
N ASP B 473 30.98 16.45 -52.55
CA ASP B 473 30.75 15.47 -53.63
C ASP B 473 30.13 14.17 -53.06
N ILE B 474 29.69 14.23 -51.78
CA ILE B 474 29.06 13.14 -51.02
C ILE B 474 27.73 13.63 -50.43
N ASP B 475 26.79 12.71 -50.17
CA ASP B 475 25.50 13.05 -49.57
C ASP B 475 25.68 13.26 -48.06
N ALA B 476 25.73 14.52 -47.62
CA ALA B 476 25.94 14.89 -46.21
C ALA B 476 24.61 15.26 -45.52
N THR B 477 23.52 14.54 -45.86
CA THR B 477 22.19 14.77 -45.28
C THR B 477 22.18 14.27 -43.83
N LEU B 478 22.63 13.00 -43.62
CA LEU B 478 22.73 12.36 -42.31
C LEU B 478 23.82 13.03 -41.48
N TYR B 479 24.91 13.47 -42.14
CA TYR B 479 26.03 14.17 -41.51
C TYR B 479 25.53 15.44 -40.83
N GLU B 480 24.74 16.28 -41.55
CA GLU B 480 24.14 17.52 -41.04
C GLU B 480 23.16 17.22 -39.88
N GLN B 481 22.37 16.13 -39.99
CA GLN B 481 21.39 15.71 -38.97
C GLN B 481 22.09 15.30 -37.67
N VAL B 482 23.24 14.62 -37.77
CA VAL B 482 24.02 14.17 -36.61
C VAL B 482 24.73 15.38 -35.97
N ILE B 483 25.47 16.21 -36.76
CA ILE B 483 26.19 17.40 -36.30
C ILE B 483 25.22 18.36 -35.53
N LEU B 484 23.99 18.52 -36.04
CA LEU B 484 22.96 19.38 -35.45
C LEU B 484 22.48 18.82 -34.09
N GLU B 485 22.00 17.56 -34.07
CA GLU B 485 21.48 16.88 -32.88
C GLU B 485 22.55 16.62 -31.81
N LYS B 486 23.82 16.46 -32.23
CA LYS B 486 24.97 16.23 -31.34
C LYS B 486 25.17 17.47 -30.45
N GLU B 487 25.21 18.66 -31.08
CA GLU B 487 25.42 19.94 -30.40
C GLU B 487 24.14 20.49 -29.72
N MET B 488 22.98 19.85 -29.97
CA MET B 488 21.70 20.22 -29.35
C MET B 488 21.74 20.00 -27.83
N GLY B 489 20.87 20.69 -27.10
CA GLY B 489 20.76 20.57 -25.65
C GLY B 489 20.25 19.21 -25.24
N THR B 490 20.68 18.71 -24.06
CA THR B 490 20.23 17.42 -23.55
C THR B 490 19.09 17.65 -22.56
N TYR B 491 17.97 16.93 -22.73
CA TYR B 491 16.83 17.03 -21.81
C TYR B 491 17.20 16.36 -20.51
N LEU B 492 17.28 17.15 -19.43
CA LEU B 492 17.69 16.73 -18.09
C LEU B 492 16.74 15.72 -17.41
N GLY B 493 15.44 15.83 -17.71
CA GLY B 493 14.41 14.98 -17.13
C GLY B 493 13.13 15.72 -16.80
N THR B 494 12.07 14.97 -16.46
CA THR B 494 10.75 15.52 -16.17
C THR B 494 10.64 16.26 -14.81
N PHE B 495 11.70 16.25 -13.96
CA PHE B 495 11.67 16.89 -12.63
C PHE B 495 11.24 18.36 -12.66
N ASP B 496 11.98 19.23 -13.37
CA ASP B 496 11.70 20.68 -13.44
C ASP B 496 10.28 20.97 -13.96
N ASP B 497 9.78 20.11 -14.87
CA ASP B 497 8.45 20.20 -15.50
C ASP B 497 7.34 19.88 -14.49
N TYR B 498 7.49 18.76 -13.74
CA TYR B 498 6.53 18.32 -12.72
C TYR B 498 6.53 19.28 -11.53
N LEU B 499 7.73 19.77 -11.11
CA LEU B 499 7.92 20.70 -9.98
C LEU B 499 7.07 21.96 -10.17
N GLU B 500 6.98 22.47 -11.42
CA GLU B 500 6.16 23.63 -11.80
C GLU B 500 4.69 23.41 -11.39
N LEU B 501 4.16 22.21 -11.72
CA LEU B 501 2.79 21.80 -11.42
C LEU B 501 2.61 21.48 -9.94
N PHE B 502 3.68 20.98 -9.27
CA PHE B 502 3.68 20.68 -7.83
C PHE B 502 3.54 21.97 -7.04
N LEU B 503 4.35 22.99 -7.39
CA LEU B 503 4.33 24.30 -6.75
C LEU B 503 3.01 25.01 -7.04
N GLN B 504 2.45 24.81 -8.26
CA GLN B 504 1.13 25.32 -8.66
C GLN B 504 0.07 24.76 -7.73
N PHE B 505 0.06 23.42 -7.55
CA PHE B 505 -0.84 22.68 -6.65
C PHE B 505 -0.66 23.16 -5.22
N GLY B 506 0.55 23.59 -4.88
CA GLY B 506 0.91 24.12 -3.58
C GLY B 506 0.21 25.42 -3.27
N TYR B 507 0.30 26.42 -4.18
CA TYR B 507 -0.34 27.73 -4.04
C TYR B 507 -1.87 27.64 -4.05
N VAL B 508 -2.43 26.71 -4.85
CA VAL B 508 -3.88 26.51 -5.03
C VAL B 508 -4.49 25.81 -3.80
N SER B 509 -4.05 24.58 -3.46
CA SER B 509 -4.64 23.82 -2.36
C SER B 509 -4.47 24.48 -0.97
N LEU B 510 -3.34 25.19 -0.76
CA LEU B 510 -3.00 25.81 0.51
C LEU B 510 -3.64 27.19 0.71
N PHE B 511 -3.27 28.18 -0.14
CA PHE B 511 -3.68 29.57 0.01
C PHE B 511 -4.76 30.03 -1.00
N SER B 512 -5.81 29.21 -1.26
CA SER B 512 -6.89 29.63 -2.15
C SER B 512 -7.87 30.57 -1.44
N CYS B 513 -7.95 30.48 -0.09
CA CYS B 513 -8.82 31.34 0.71
C CYS B 513 -8.24 32.77 0.76
N VAL B 514 -6.90 32.91 0.69
CA VAL B 514 -6.21 34.20 0.70
C VAL B 514 -6.18 34.76 -0.74
N TYR B 515 -5.71 33.94 -1.71
CA TYR B 515 -5.61 34.29 -3.13
C TYR B 515 -6.60 33.44 -3.94
N PRO B 516 -7.86 33.92 -4.14
CA PRO B 516 -8.86 33.09 -4.85
C PRO B 516 -8.57 32.86 -6.33
N LEU B 517 -7.74 33.72 -6.97
CA LEU B 517 -7.40 33.60 -8.39
C LEU B 517 -6.20 32.66 -8.63
N ALA B 518 -5.72 31.97 -7.57
CA ALA B 518 -4.58 31.05 -7.63
C ALA B 518 -4.76 30.00 -8.72
N ALA B 519 -5.93 29.32 -8.74
CA ALA B 519 -6.25 28.30 -9.74
C ALA B 519 -6.51 28.91 -11.12
N ALA B 520 -7.05 30.15 -11.17
CA ALA B 520 -7.33 30.86 -12.43
C ALA B 520 -6.05 31.12 -13.21
N PHE B 521 -4.98 31.62 -12.53
CA PHE B 521 -3.69 31.90 -13.17
C PHE B 521 -2.91 30.61 -13.43
N ALA B 522 -3.17 29.55 -12.64
CA ALA B 522 -2.53 28.24 -12.81
C ALA B 522 -3.00 27.62 -14.13
N VAL B 523 -4.32 27.66 -14.42
CA VAL B 523 -4.94 27.14 -15.65
C VAL B 523 -4.46 27.96 -16.86
N LEU B 524 -4.37 29.30 -16.72
CA LEU B 524 -3.93 30.19 -17.79
C LEU B 524 -2.49 29.89 -18.21
N ASN B 525 -1.58 29.66 -17.23
CA ASN B 525 -0.19 29.32 -17.51
C ASN B 525 -0.10 27.96 -18.17
N ASN B 526 -0.87 26.98 -17.66
CA ASN B 526 -0.92 25.60 -18.15
C ASN B 526 -1.49 25.53 -19.57
N PHE B 527 -2.29 26.54 -19.99
CA PHE B 527 -2.85 26.62 -21.35
C PHE B 527 -1.76 26.87 -22.39
N THR B 528 -0.68 27.56 -21.96
CA THR B 528 0.48 27.87 -22.80
C THR B 528 1.63 26.89 -22.49
N GLU B 529 1.65 26.30 -21.26
CA GLU B 529 2.67 25.36 -20.80
C GLU B 529 2.74 24.13 -21.70
N VAL B 530 1.58 23.60 -22.13
CA VAL B 530 1.45 22.45 -23.03
C VAL B 530 2.17 22.73 -24.36
N ASN B 531 1.97 23.92 -24.97
CA ASN B 531 2.58 24.33 -26.23
C ASN B 531 4.06 24.71 -26.04
N SER B 532 4.39 25.35 -24.90
CA SER B 532 5.76 25.76 -24.55
C SER B 532 6.65 24.53 -24.32
N ASP B 533 6.15 23.51 -23.58
CA ASP B 533 6.88 22.27 -23.31
C ASP B 533 6.90 21.37 -24.54
N ALA B 534 5.93 21.51 -25.46
CA ALA B 534 5.91 20.73 -26.70
C ALA B 534 7.00 21.24 -27.67
N LEU B 535 7.14 22.58 -27.79
CA LEU B 535 8.17 23.27 -28.61
C LEU B 535 9.57 22.94 -28.07
N LYS B 536 9.69 22.86 -26.74
CA LYS B 536 10.87 22.54 -25.94
C LYS B 536 11.37 21.11 -26.27
N MET B 537 10.43 20.15 -26.35
CA MET B 537 10.74 18.74 -26.63
C MET B 537 10.94 18.47 -28.13
N CYS B 538 10.38 19.30 -29.00
CA CYS B 538 10.45 19.11 -30.45
C CYS B 538 11.59 19.88 -31.11
N ARG B 539 11.76 21.16 -30.76
CA ARG B 539 12.72 22.01 -31.45
C ARG B 539 13.85 22.60 -30.56
N VAL B 540 13.99 22.14 -29.29
CA VAL B 540 15.07 22.65 -28.44
C VAL B 540 16.06 21.53 -28.10
N PHE B 541 15.60 20.48 -27.40
CA PHE B 541 16.44 19.38 -26.99
C PHE B 541 16.51 18.27 -28.03
N LYS B 542 17.63 17.53 -28.03
CA LYS B 542 17.82 16.35 -28.87
C LYS B 542 16.95 15.22 -28.29
N ARG B 543 16.54 14.24 -29.13
CA ARG B 543 15.65 13.13 -28.74
C ARG B 543 16.09 12.46 -27.43
N PRO B 544 15.25 12.51 -26.37
CA PRO B 544 15.64 11.84 -25.10
C PRO B 544 15.30 10.35 -25.15
N PHE B 545 16.15 9.49 -24.53
CA PHE B 545 15.91 8.04 -24.49
C PHE B 545 14.63 7.74 -23.71
N SER B 546 13.75 6.90 -24.29
CA SER B 546 12.46 6.55 -23.69
C SER B 546 12.65 5.65 -22.48
N GLU B 547 11.79 5.82 -21.48
CA GLU B 547 11.80 5.02 -20.25
C GLU B 547 10.38 4.48 -20.01
N PRO B 548 10.18 3.14 -20.00
CA PRO B 548 8.83 2.60 -19.83
C PRO B 548 8.30 2.78 -18.40
N SER B 549 7.71 3.96 -18.13
CA SER B 549 7.13 4.31 -16.84
C SER B 549 5.68 3.85 -16.77
N ALA B 550 5.25 3.35 -15.60
CA ALA B 550 3.90 2.86 -15.35
C ALA B 550 3.09 3.81 -14.44
N ASN B 551 3.71 4.94 -14.00
CA ASN B 551 3.12 5.97 -13.12
C ASN B 551 4.01 7.24 -13.05
N ILE B 552 3.59 8.24 -12.23
CA ILE B 552 4.32 9.50 -12.02
C ILE B 552 5.41 9.33 -10.93
N GLY B 553 5.57 8.10 -10.41
CA GLY B 553 6.58 7.76 -9.42
C GLY B 553 6.33 8.33 -8.04
N VAL B 554 7.39 8.89 -7.43
CA VAL B 554 7.37 9.46 -6.09
C VAL B 554 6.55 10.79 -6.04
N TRP B 555 6.19 11.34 -7.21
CA TRP B 555 5.40 12.57 -7.31
C TRP B 555 4.01 12.41 -6.71
N GLN B 556 3.47 11.17 -6.72
CA GLN B 556 2.16 10.84 -6.15
C GLN B 556 2.18 11.11 -4.64
N LEU B 557 3.25 10.68 -3.93
CA LEU B 557 3.45 10.90 -2.50
C LEU B 557 3.62 12.38 -2.20
N ALA B 558 4.40 13.08 -3.04
CA ALA B 558 4.68 14.52 -2.94
C ALA B 558 3.40 15.34 -3.00
N PHE B 559 2.55 15.08 -4.03
CA PHE B 559 1.27 15.75 -4.24
C PHE B 559 0.26 15.42 -3.14
N GLU B 560 0.27 14.17 -2.63
CA GLU B 560 -0.61 13.72 -1.55
C GLU B 560 -0.22 14.35 -0.20
N THR B 561 1.10 14.59 0.01
CA THR B 561 1.61 15.23 1.23
C THR B 561 1.18 16.72 1.21
N MET B 562 1.19 17.35 0.01
CA MET B 562 0.76 18.73 -0.21
C MET B 562 -0.74 18.88 0.13
N SER B 563 -1.56 17.87 -0.22
CA SER B 563 -3.00 17.86 0.07
C SER B 563 -3.26 17.61 1.58
N VAL B 564 -2.29 17.01 2.29
CA VAL B 564 -2.38 16.76 3.73
C VAL B 564 -2.03 18.07 4.45
N ILE B 565 -0.99 18.79 3.98
CA ILE B 565 -0.55 20.08 4.52
C ILE B 565 -1.67 21.13 4.33
N SER B 566 -2.44 21.04 3.21
CA SER B 566 -3.53 21.97 2.89
C SER B 566 -4.67 21.94 3.94
N VAL B 567 -4.82 20.84 4.71
CA VAL B 567 -5.82 20.71 5.79
C VAL B 567 -5.40 21.63 6.94
N VAL B 568 -4.10 21.58 7.31
CA VAL B 568 -3.49 22.39 8.37
C VAL B 568 -3.59 23.86 8.01
N THR B 569 -3.21 24.22 6.76
CA THR B 569 -3.19 25.58 6.21
C THR B 569 -4.58 26.22 6.22
N ASN B 570 -5.58 25.58 5.56
CA ASN B 570 -6.95 26.08 5.45
C ASN B 570 -7.63 26.23 6.82
N CYS B 571 -7.38 25.29 7.76
CA CYS B 571 -7.95 25.34 9.11
C CYS B 571 -7.36 26.49 9.91
N ALA B 572 -6.04 26.75 9.74
CA ALA B 572 -5.34 27.82 10.44
C ALA B 572 -5.78 29.19 9.93
N LEU B 573 -5.83 29.40 8.59
CA LEU B 573 -6.23 30.66 7.97
C LEU B 573 -7.69 31.05 8.31
N ILE B 574 -8.59 30.06 8.43
CA ILE B 574 -9.99 30.32 8.81
C ILE B 574 -10.03 30.66 10.31
N GLY B 575 -9.34 29.88 11.14
CA GLY B 575 -9.24 30.11 12.58
C GLY B 575 -8.63 31.45 12.93
N MET B 576 -7.75 31.97 12.06
CA MET B 576 -7.06 33.25 12.18
C MET B 576 -7.94 34.44 11.81
N SER B 577 -8.94 34.23 10.92
CA SER B 577 -9.83 35.29 10.42
C SER B 577 -10.54 36.04 11.57
N PRO B 578 -10.66 37.40 11.48
CA PRO B 578 -11.29 38.15 12.58
C PRO B 578 -12.77 37.83 12.80
N GLN B 579 -13.45 37.22 11.81
CA GLN B 579 -14.85 36.83 11.92
C GLN B 579 -15.02 35.72 12.96
N VAL B 580 -14.07 34.75 12.96
CA VAL B 580 -14.04 33.61 13.88
C VAL B 580 -13.54 34.09 15.26
N ASN B 581 -12.53 34.98 15.27
CA ASN B 581 -11.96 35.55 16.49
C ASN B 581 -12.93 36.50 17.21
N ALA B 582 -14.00 36.94 16.51
CA ALA B 582 -15.04 37.80 17.09
C ALA B 582 -15.90 37.00 18.07
N VAL B 583 -16.07 35.69 17.79
CA VAL B 583 -16.85 34.73 18.56
C VAL B 583 -16.06 34.34 19.83
N PHE B 584 -14.71 34.34 19.73
CA PHE B 584 -13.80 34.00 20.84
C PHE B 584 -12.94 35.23 21.19
N PRO B 585 -13.47 36.18 21.99
CA PRO B 585 -12.69 37.39 22.31
C PRO B 585 -11.58 37.14 23.33
N GLU B 586 -11.88 36.41 24.42
CA GLU B 586 -10.90 36.10 25.48
C GLU B 586 -10.42 34.65 25.39
N SER B 587 -11.34 33.68 25.26
CA SER B 587 -11.01 32.26 25.19
C SER B 587 -10.41 31.90 23.82
N LYS B 588 -9.12 32.19 23.64
CA LYS B 588 -8.39 31.87 22.40
C LYS B 588 -7.95 30.42 22.41
N ALA B 589 -7.81 29.84 23.63
CA ALA B 589 -7.44 28.45 23.86
C ALA B 589 -8.53 27.52 23.35
N ASP B 590 -9.81 27.87 23.62
CA ASP B 590 -11.01 27.14 23.20
C ASP B 590 -11.11 27.10 21.68
N LEU B 591 -10.92 28.26 21.04
CA LEU B 591 -10.91 28.49 19.59
C LEU B 591 -9.95 27.52 18.89
N ILE B 592 -8.69 27.44 19.37
CA ILE B 592 -7.64 26.57 18.82
C ILE B 592 -8.07 25.12 18.99
N LEU B 593 -8.60 24.73 20.17
CA LEU B 593 -9.06 23.37 20.43
C LEU B 593 -10.17 22.96 19.45
N ILE B 594 -11.09 23.89 19.09
CA ILE B 594 -12.17 23.65 18.11
C ILE B 594 -11.54 23.43 16.71
N VAL B 595 -10.64 24.35 16.29
CA VAL B 595 -9.93 24.32 15.00
C VAL B 595 -9.17 22.99 14.84
N VAL B 596 -8.37 22.61 15.86
CA VAL B 596 -7.55 21.39 15.89
C VAL B 596 -8.47 20.14 15.82
N ALA B 597 -9.62 20.17 16.52
CA ALA B 597 -10.59 19.08 16.49
C ALA B 597 -11.16 18.90 15.07
N VAL B 598 -11.54 20.01 14.41
CA VAL B 598 -12.08 20.05 13.04
C VAL B 598 -11.00 19.52 12.09
N GLU B 599 -9.75 19.98 12.26
CA GLU B 599 -8.58 19.57 11.46
C GLU B 599 -8.35 18.05 11.54
N HIS B 600 -8.46 17.48 12.75
CA HIS B 600 -8.27 16.04 13.01
C HIS B 600 -9.38 15.22 12.37
N ALA B 601 -10.64 15.73 12.44
CA ALA B 601 -11.81 15.08 11.84
C ALA B 601 -11.71 15.07 10.32
N LEU B 602 -11.23 16.19 9.72
CA LEU B 602 -11.06 16.34 8.29
C LEU B 602 -9.93 15.43 7.78
N LEU B 603 -8.81 15.33 8.53
CA LEU B 603 -7.67 14.47 8.18
C LEU B 603 -8.06 13.00 8.18
N ALA B 604 -8.98 12.60 9.10
CA ALA B 604 -9.50 11.23 9.18
C ALA B 604 -10.40 10.95 7.99
N LEU B 605 -11.31 11.92 7.66
CA LEU B 605 -12.24 11.82 6.52
C LEU B 605 -11.49 11.81 5.19
N LYS B 606 -10.37 12.56 5.11
CA LYS B 606 -9.51 12.64 3.93
C LYS B 606 -8.84 11.28 3.67
N PHE B 607 -8.41 10.59 4.75
CA PHE B 607 -7.79 9.26 4.70
C PHE B 607 -8.83 8.22 4.24
N ILE B 608 -10.04 8.25 4.85
CA ILE B 608 -11.15 7.34 4.56
C ILE B 608 -11.56 7.46 3.09
N LEU B 609 -11.72 8.70 2.56
CA LEU B 609 -12.09 8.99 1.18
C LEU B 609 -11.05 8.41 0.20
N ALA B 610 -9.74 8.57 0.51
CA ALA B 610 -8.64 8.06 -0.30
C ALA B 610 -8.61 6.53 -0.26
N PHE B 611 -8.95 5.93 0.90
CA PHE B 611 -9.01 4.48 1.09
C PHE B 611 -10.21 3.89 0.36
N ALA B 612 -11.36 4.59 0.37
CA ALA B 612 -12.60 4.16 -0.26
C ALA B 612 -12.50 4.17 -1.79
N ILE B 613 -11.79 5.16 -2.37
CA ILE B 613 -11.62 5.24 -3.82
C ILE B 613 -10.51 4.25 -4.23
N PRO B 614 -10.84 3.21 -5.05
CA PRO B 614 -9.79 2.26 -5.48
C PRO B 614 -8.84 2.89 -6.50
N ASP B 615 -7.53 2.68 -6.30
CA ASP B 615 -6.45 3.24 -7.14
C ASP B 615 -6.48 2.73 -8.60
N LYS B 616 -7.21 1.64 -8.87
CA LYS B 616 -7.35 1.07 -10.21
C LYS B 616 -8.84 0.82 -10.54
N PRO B 617 -9.29 1.04 -11.80
CA PRO B 617 -10.71 0.79 -12.15
C PRO B 617 -11.04 -0.71 -12.11
N ARG B 618 -12.34 -1.05 -11.99
CA ARG B 618 -12.84 -2.43 -11.89
C ARG B 618 -12.39 -3.31 -13.05
N HIS B 619 -12.54 -2.83 -14.30
CA HIS B 619 -12.18 -3.58 -15.52
C HIS B 619 -10.67 -3.86 -15.62
N ILE B 620 -9.82 -2.91 -15.18
CA ILE B 620 -8.35 -3.07 -15.17
C ILE B 620 -7.96 -4.09 -14.10
N GLN B 621 -8.62 -4.05 -12.91
CA GLN B 621 -8.38 -4.97 -11.80
C GLN B 621 -8.70 -6.41 -12.21
N MET B 622 -9.78 -6.63 -12.98
CA MET B 622 -10.19 -7.95 -13.49
C MET B 622 -9.21 -8.47 -14.55
N LYS B 623 -8.77 -7.57 -15.46
CA LYS B 623 -7.82 -7.88 -16.53
C LYS B 623 -6.45 -8.26 -15.94
N LEU B 624 -6.05 -7.59 -14.84
CA LEU B 624 -4.81 -7.87 -14.10
C LEU B 624 -4.94 -9.15 -13.28
N ALA B 625 -6.16 -9.48 -12.82
CA ALA B 625 -6.46 -10.67 -12.02
C ALA B 625 -6.41 -11.93 -12.87
N ARG B 626 -7.06 -11.94 -14.07
CA ARG B 626 -7.09 -13.12 -14.95
C ARG B 626 -5.68 -13.46 -15.46
N LEU B 627 -4.82 -12.45 -15.60
CA LEU B 627 -3.42 -12.64 -16.03
C LEU B 627 -2.60 -13.16 -14.86
N GLU B 628 -2.95 -12.79 -13.61
CA GLU B 628 -2.29 -13.28 -12.40
C GLU B 628 -2.63 -14.76 -12.22
N PHE B 629 -3.90 -15.13 -12.46
CA PHE B 629 -4.43 -16.50 -12.37
C PHE B 629 -3.77 -17.40 -13.41
N GLU B 630 -3.60 -16.88 -14.64
CA GLU B 630 -2.97 -17.58 -15.76
C GLU B 630 -1.53 -17.96 -15.47
N SER B 631 -0.76 -17.06 -14.80
CA SER B 631 0.63 -17.26 -14.40
C SER B 631 0.78 -18.40 -13.39
N LEU B 632 -0.20 -18.53 -12.48
CA LEU B 632 -0.22 -19.59 -11.46
C LEU B 632 -0.56 -20.93 -12.09
N GLU B 633 -1.51 -20.94 -13.07
CA GLU B 633 -1.92 -22.12 -13.82
C GLU B 633 -0.78 -22.61 -14.71
N ALA B 634 0.04 -21.66 -15.20
CA ALA B 634 1.23 -21.92 -16.02
C ALA B 634 2.32 -22.60 -15.19
N LEU B 635 2.53 -22.12 -13.94
CA LEU B 635 3.54 -22.63 -13.01
C LEU B 635 3.19 -24.06 -12.57
N LYS B 636 1.89 -24.38 -12.43
CA LYS B 636 1.40 -25.71 -12.05
C LYS B 636 1.64 -26.71 -13.19
N GLN B 637 1.43 -26.25 -14.46
CA GLN B 637 1.62 -27.04 -15.68
C GLN B 637 3.11 -27.31 -15.92
N GLN B 638 3.97 -26.28 -15.71
CA GLN B 638 5.42 -26.35 -15.91
C GLN B 638 6.12 -27.26 -14.88
N GLN B 639 5.69 -27.21 -13.60
CA GLN B 639 6.29 -28.02 -12.53
C GLN B 639 5.82 -29.48 -12.64
#